data_2OQ7
#
_entry.id   2OQ7
#
_cell.length_a   101.120
_cell.length_b   148.531
_cell.length_c   57.333
_cell.angle_alpha   90.00
_cell.angle_beta   90.00
_cell.angle_gamma   90.00
#
_symmetry.space_group_name_H-M   'P 21 21 2'
#
loop_
_entity.id
_entity.type
_entity.pdbx_description
1 polymer 'JmjC domain-containing histone demethylation protein 3A'
2 non-polymer 'NICKEL (II) ION'
3 non-polymer 'ZINC ION'
4 non-polymer N-OXALYLGLYCINE
5 water water
#
_entity_poly.entity_id   1
_entity_poly.type   'polypeptide(L)'
_entity_poly.pdbx_seq_one_letter_code
;MHHHHHHSSGVDLGTENLYFQSMASESETLNPSARIMTFYPTMEEFRNFSRYIAYIESQGAHRAGLAKVVPPKEWKPRAS
YDDIDDLVIPAPIQQLVTGQSGLFTQYNIQKKAMTVREFRKIANSDKYCTPRYSEFEELERKYWKNLTFNPPIYGADVNG
TLYEKHVDEWNIGRLRTILDLVEKESGITIEGVNTPYLYFGMWKTSFAWHTEDMDLYSINYLHFGEPKSWYSVPPEHGKR
LERLAKGFFPGSAQSCEAFLRHKMTLISPLMLKKYGIPFDKVTQEAGEFMITFPYGYHAGFNHGFNCAESTNFATRRWIE
YGKQAVLCSCRKDMVKISMDVFVRKFQPERYKLWKAGKDNTVIDHTLPTPEAAEFLKESEL
;
_entity_poly.pdbx_strand_id   A,B
#
loop_
_chem_comp.id
_chem_comp.type
_chem_comp.name
_chem_comp.formula
NI non-polymer 'NICKEL (II) ION' 'Ni 2'
OGA non-polymer N-OXALYLGLYCINE 'C4 H5 N O5'
ZN non-polymer 'ZINC ION' 'Zn 2'
#
# COMPACT_ATOMS: atom_id res chain seq x y z
C LEU A 30 17.23 -8.73 -5.15
N ASN A 31 17.70 -8.04 -4.10
CA ASN A 31 16.92 -7.00 -3.41
C ASN A 31 15.41 -7.35 -3.19
N PRO A 32 15.14 -8.47 -2.49
CA PRO A 32 13.76 -8.93 -2.25
C PRO A 32 12.92 -7.94 -1.42
N SER A 33 13.57 -7.21 -0.50
CA SER A 33 12.89 -6.16 0.27
C SER A 33 12.63 -4.86 -0.55
N ALA A 34 13.29 -4.74 -1.69
CA ALA A 34 13.13 -3.57 -2.60
C ALA A 34 13.54 -2.25 -1.93
N ARG A 35 14.59 -2.30 -1.13
CA ARG A 35 15.10 -1.11 -0.49
C ARG A 35 16.10 -0.36 -1.39
N ILE A 36 16.22 0.94 -1.14
CA ILE A 36 17.14 1.81 -1.86
C ILE A 36 18.57 1.41 -1.57
N MET A 37 19.32 1.15 -2.65
CA MET A 37 20.72 0.78 -2.59
C MET A 37 21.62 1.95 -2.98
N THR A 38 22.80 1.96 -2.37
CA THR A 38 23.84 2.94 -2.63
C THR A 38 25.01 2.18 -3.18
N PHE A 39 25.68 2.76 -4.17
CA PHE A 39 26.86 2.17 -4.80
C PHE A 39 28.05 3.14 -4.77
N TYR A 40 29.26 2.58 -4.62
CA TYR A 40 30.53 3.32 -4.58
C TYR A 40 31.49 2.71 -5.63
N PRO A 41 31.26 3.00 -6.92
CA PRO A 41 32.15 2.56 -7.98
C PRO A 41 33.53 3.21 -8.00
N THR A 42 34.54 2.43 -8.36
CA THR A 42 35.83 2.99 -8.72
C THR A 42 35.68 3.67 -10.06
N MET A 43 36.70 4.43 -10.44
CA MET A 43 36.71 5.16 -11.68
C MET A 43 36.70 4.23 -12.88
N GLU A 44 37.28 3.05 -12.71
CA GLU A 44 37.34 2.07 -13.78
C GLU A 44 35.91 1.58 -14.06
N GLU A 45 35.17 1.27 -12.99
CA GLU A 45 33.75 0.88 -13.07
C GLU A 45 32.84 2.03 -13.47
N PHE A 46 33.22 3.25 -13.05
CA PHE A 46 32.37 4.43 -13.24
C PHE A 46 32.24 4.82 -14.73
N ARG A 47 33.38 4.80 -15.44
CA ARG A 47 33.52 5.27 -16.82
C ARG A 47 32.39 4.97 -17.84
N ASN A 48 31.87 3.75 -17.89
CA ASN A 48 30.86 3.40 -18.88
C ASN A 48 29.51 3.35 -18.17
N PHE A 49 28.67 4.35 -18.49
CA PHE A 49 27.47 4.67 -17.77
C PHE A 49 26.35 3.62 -17.92
N SER A 50 25.93 3.36 -19.17
CA SER A 50 25.00 2.28 -19.49
C SER A 50 25.41 0.91 -18.90
N ARG A 51 26.71 0.63 -18.85
CA ARG A 51 27.22 -0.62 -18.29
C ARG A 51 27.08 -0.68 -16.77
N TYR A 52 27.28 0.45 -16.09
CA TYR A 52 27.07 0.49 -14.64
C TYR A 52 25.56 0.44 -14.28
N ILE A 53 24.71 1.02 -15.11
CA ILE A 53 23.29 0.85 -14.86
C ILE A 53 22.90 -0.64 -14.95
N ALA A 54 23.34 -1.34 -15.99
CA ALA A 54 23.11 -2.80 -16.12
C ALA A 54 23.61 -3.54 -14.87
N TYR A 55 24.80 -3.16 -14.39
CA TYR A 55 25.34 -3.68 -13.12
C TYR A 55 24.44 -3.53 -11.87
N ILE A 56 23.99 -2.30 -11.59
CA ILE A 56 23.23 -2.08 -10.37
C ILE A 56 21.87 -2.81 -10.49
N GLU A 57 21.37 -2.95 -11.70
CA GLU A 57 20.15 -3.72 -11.90
C GLU A 57 20.43 -5.24 -11.68
N SER A 58 21.63 -5.69 -12.04
CA SER A 58 22.03 -7.06 -11.70
C SER A 58 22.08 -7.29 -10.18
N GLN A 59 22.16 -6.22 -9.40
CA GLN A 59 22.18 -6.31 -7.93
C GLN A 59 20.81 -6.04 -7.30
N GLY A 60 19.80 -5.80 -8.14
CA GLY A 60 18.42 -5.59 -7.68
C GLY A 60 18.02 -4.15 -7.38
N ALA A 61 18.85 -3.18 -7.79
CA ALA A 61 18.69 -1.76 -7.45
C ALA A 61 17.36 -1.21 -7.91
N HIS A 62 16.97 -1.59 -9.13
CA HIS A 62 15.76 -1.11 -9.78
C HIS A 62 14.48 -1.44 -9.08
N ARG A 63 14.52 -2.44 -8.21
CA ARG A 63 13.33 -2.86 -7.49
C ARG A 63 12.79 -1.82 -6.50
N ALA A 64 13.70 -1.03 -5.94
CA ALA A 64 13.37 0.14 -5.11
C ALA A 64 12.77 1.32 -5.87
N GLY A 65 13.04 1.42 -7.18
CA GLY A 65 12.61 2.57 -8.00
C GLY A 65 13.61 3.73 -8.05
N LEU A 66 14.55 3.69 -7.10
CA LEU A 66 15.51 4.73 -6.80
C LEU A 66 16.78 4.11 -6.25
N ALA A 67 17.94 4.61 -6.71
CA ALA A 67 19.26 4.19 -6.23
C ALA A 67 20.22 5.39 -6.07
N LYS A 68 21.12 5.32 -5.09
CA LYS A 68 22.18 6.30 -4.97
C LYS A 68 23.51 5.75 -5.51
N VAL A 69 24.17 6.52 -6.37
CA VAL A 69 25.54 6.25 -6.76
C VAL A 69 26.44 7.37 -6.29
N VAL A 70 27.36 7.04 -5.38
CA VAL A 70 28.39 7.96 -4.90
C VAL A 70 29.59 7.81 -5.84
N PRO A 71 29.91 8.86 -6.64
CA PRO A 71 31.00 8.69 -7.60
C PRO A 71 32.34 8.58 -6.91
N PRO A 72 33.39 8.18 -7.66
CA PRO A 72 34.73 8.12 -7.07
C PRO A 72 35.27 9.51 -6.67
N LYS A 73 36.09 9.55 -5.62
CA LYS A 73 36.65 10.80 -5.05
C LYS A 73 37.27 11.74 -6.08
N GLU A 74 37.99 11.16 -7.06
CA GLU A 74 38.78 11.94 -8.04
C GLU A 74 37.92 12.56 -9.15
N TRP A 75 36.63 12.25 -9.14
CA TRP A 75 35.73 12.70 -10.19
C TRP A 75 34.96 13.97 -9.73
N LYS A 76 35.06 14.98 -10.58
CA LYS A 76 34.37 16.26 -10.44
C LYS A 76 33.88 16.64 -11.85
N PRO A 77 32.63 17.15 -11.97
CA PRO A 77 32.15 17.57 -13.30
C PRO A 77 32.53 19.01 -13.69
N ARG A 78 33.04 19.76 -12.72
CA ARG A 78 33.36 21.18 -12.88
C ARG A 78 34.44 21.58 -11.87
N ALA A 79 35.41 22.36 -12.36
CA ALA A 79 36.52 22.89 -11.55
C ALA A 79 36.01 23.76 -10.39
N SER A 80 35.25 24.83 -10.66
CA SER A 80 34.53 25.57 -9.58
C SER A 80 33.15 26.09 -9.98
N TYR A 81 32.30 26.35 -8.99
CA TYR A 81 30.96 26.95 -9.21
C TYR A 81 30.89 28.47 -8.87
N ASP A 82 32.06 29.11 -8.81
CA ASP A 82 32.25 30.56 -8.55
C ASP A 82 31.73 31.52 -9.65
N ASP A 83 31.51 30.96 -10.83
CA ASP A 83 31.25 31.73 -12.03
C ASP A 83 29.80 31.69 -12.48
N ILE A 84 28.87 31.29 -11.60
CA ILE A 84 27.49 31.12 -12.04
C ILE A 84 26.49 32.13 -11.43
N ASP A 85 27.02 33.13 -10.69
CA ASP A 85 26.19 34.15 -10.05
C ASP A 85 25.27 34.87 -11.06
N ASP A 86 25.69 34.82 -12.37
CA ASP A 86 24.97 35.58 -13.40
C ASP A 86 24.11 34.78 -14.39
N LEU A 87 24.01 33.46 -14.18
CA LEU A 87 23.08 32.62 -14.93
C LEU A 87 21.62 33.01 -14.62
N VAL A 88 20.84 33.21 -15.68
CA VAL A 88 19.42 33.55 -15.53
C VAL A 88 18.60 32.28 -15.24
N ILE A 89 17.71 32.39 -14.26
CA ILE A 89 16.64 31.44 -14.05
C ILE A 89 15.44 32.14 -14.71
N PRO A 90 15.15 31.79 -15.98
CA PRO A 90 14.11 32.51 -16.75
C PRO A 90 12.70 32.50 -16.17
N ALA A 91 12.32 31.42 -15.50
CA ALA A 91 10.97 31.24 -15.04
C ALA A 91 10.94 30.67 -13.64
N PRO A 92 11.39 31.44 -12.62
CA PRO A 92 11.29 30.89 -11.27
C PRO A 92 9.81 30.67 -10.87
N ILE A 93 9.55 29.63 -10.10
CA ILE A 93 8.18 29.23 -9.77
C ILE A 93 7.91 29.36 -8.28
N GLN A 94 6.97 30.22 -7.88
CA GLN A 94 6.51 30.18 -6.51
C GLN A 94 5.51 29.04 -6.28
N GLN A 95 5.74 28.23 -5.26
CA GLN A 95 4.98 27.01 -5.05
C GLN A 95 3.99 27.21 -3.93
N LEU A 96 2.76 27.44 -4.33
CA LEU A 96 1.63 27.47 -3.44
C LEU A 96 1.06 26.08 -3.21
N VAL A 97 0.97 25.68 -1.93
CA VAL A 97 0.48 24.37 -1.57
C VAL A 97 -0.81 24.53 -0.77
N THR A 98 -1.85 23.85 -1.23
CA THR A 98 -3.08 23.73 -0.53
C THR A 98 -3.33 22.26 -0.12
N GLY A 99 -3.77 22.06 1.11
CA GLY A 99 -4.23 20.74 1.55
C GLY A 99 -4.11 20.55 3.01
N GLN A 100 -4.46 19.37 3.46
CA GLN A 100 -4.45 19.03 4.88
C GLN A 100 -4.36 17.53 5.03
N SER A 101 -3.95 17.09 6.20
CA SER A 101 -3.95 15.68 6.62
C SER A 101 -3.22 14.79 5.58
N GLY A 102 -2.05 15.24 5.15
CA GLY A 102 -1.13 14.46 4.32
C GLY A 102 -1.33 14.47 2.83
N LEU A 103 -2.39 15.13 2.37
CA LEU A 103 -2.80 15.25 0.96
C LEU A 103 -2.80 16.73 0.52
N PHE A 104 -2.01 17.05 -0.51
CA PHE A 104 -1.83 18.43 -0.92
C PHE A 104 -1.73 18.51 -2.40
N THR A 105 -2.11 19.67 -2.93
CA THR A 105 -1.86 19.96 -4.33
C THR A 105 -1.02 21.20 -4.38
N GLN A 106 -0.05 21.19 -5.28
CA GLN A 106 0.84 22.33 -5.52
C GLN A 106 0.45 23.07 -6.79
N TYR A 107 0.38 24.40 -6.66
CA TYR A 107 0.08 25.32 -7.74
C TYR A 107 1.29 26.18 -7.97
N ASN A 108 1.59 26.37 -9.23
CA ASN A 108 2.78 27.09 -9.66
C ASN A 108 2.42 28.51 -10.09
N ILE A 109 3.07 29.49 -9.49
CA ILE A 109 2.96 30.87 -9.95
C ILE A 109 4.31 31.20 -10.57
N GLN A 110 4.35 31.52 -11.86
CA GLN A 110 5.61 31.95 -12.50
C GLN A 110 5.98 33.37 -12.04
N LYS A 111 7.22 33.52 -11.56
CA LYS A 111 7.76 34.79 -11.15
C LYS A 111 8.64 35.31 -12.29
N LYS A 112 9.09 36.54 -12.18
CA LYS A 112 9.90 37.10 -13.23
C LYS A 112 11.31 36.52 -13.15
N ALA A 113 11.99 36.50 -14.30
CA ALA A 113 13.35 36.01 -14.43
C ALA A 113 14.28 36.65 -13.38
N MET A 114 15.33 35.92 -13.02
CA MET A 114 16.09 36.19 -11.81
C MET A 114 17.46 35.64 -12.05
N THR A 115 18.51 36.25 -11.55
CA THR A 115 19.82 35.59 -11.71
C THR A 115 19.92 34.57 -10.58
N VAL A 116 20.89 33.67 -10.65
CA VAL A 116 21.22 32.75 -9.55
C VAL A 116 21.70 33.55 -8.32
N ARG A 117 22.40 34.66 -8.58
CA ARG A 117 22.78 35.55 -7.47
C ARG A 117 21.59 36.16 -6.68
N GLU A 118 20.61 36.70 -7.41
CA GLU A 118 19.34 37.14 -6.82
C GLU A 118 18.62 35.98 -6.15
N PHE A 119 18.63 34.81 -6.79
CA PHE A 119 18.01 33.60 -6.21
C PHE A 119 18.60 33.20 -4.84
N ARG A 120 19.92 33.11 -4.78
CA ARG A 120 20.61 32.70 -3.56
C ARG A 120 20.40 33.71 -2.40
N LYS A 121 20.27 35.00 -2.72
CA LYS A 121 20.10 36.01 -1.65
C LYS A 121 18.78 35.72 -0.97
N ILE A 122 17.75 35.51 -1.79
CA ILE A 122 16.41 35.19 -1.32
C ILE A 122 16.39 33.84 -0.62
N ALA A 123 17.08 32.83 -1.15
CA ALA A 123 17.11 31.50 -0.50
C ALA A 123 17.70 31.53 0.92
N ASN A 124 18.74 32.35 1.10
CA ASN A 124 19.49 32.38 2.34
C ASN A 124 19.02 33.46 3.32
N SER A 125 18.08 34.30 2.90
CA SER A 125 17.56 35.36 3.75
C SER A 125 16.75 34.72 4.84
N ASP A 126 16.52 35.50 5.89
CA ASP A 126 15.77 35.08 7.08
C ASP A 126 14.36 34.57 6.76
N LYS A 127 13.73 35.10 5.71
CA LYS A 127 12.36 34.73 5.37
C LYS A 127 12.24 33.27 4.85
N TYR A 128 13.19 32.90 4.00
CA TYR A 128 13.15 31.63 3.29
C TYR A 128 14.19 30.60 3.75
N CYS A 129 15.14 30.95 4.62
CA CYS A 129 16.21 30.00 4.93
C CYS A 129 15.74 28.76 5.73
N THR A 130 16.59 27.74 5.74
CA THR A 130 16.32 26.47 6.43
C THR A 130 16.23 26.68 7.94
N PRO A 131 15.18 26.16 8.57
CA PRO A 131 15.13 26.25 10.03
C PRO A 131 16.24 25.47 10.72
N ARG A 132 16.53 25.83 11.97
CA ARG A 132 17.41 25.06 12.83
C ARG A 132 16.74 23.71 13.17
N TYR A 133 17.53 22.63 13.07
CA TYR A 133 17.08 21.29 13.44
C TYR A 133 18.24 20.41 13.91
N SER A 134 17.94 19.39 14.73
CA SER A 134 18.95 18.41 15.18
C SER A 134 19.09 17.27 14.16
N GLU A 135 18.15 16.32 14.18
CA GLU A 135 18.17 15.18 13.27
C GLU A 135 17.38 15.47 11.98
N PHE A 136 17.59 14.69 10.92
CA PHE A 136 16.84 14.84 9.69
C PHE A 136 15.33 14.65 9.91
N GLU A 137 14.98 13.79 10.87
CA GLU A 137 13.57 13.48 11.10
C GLU A 137 12.86 14.74 11.61
N GLU A 138 13.58 15.57 12.39
CA GLU A 138 13.08 16.87 12.82
C GLU A 138 12.79 17.77 11.63
N LEU A 139 13.75 17.88 10.69
CA LEU A 139 13.59 18.72 9.52
C LEU A 139 12.44 18.23 8.62
N GLU A 140 12.34 16.93 8.43
CA GLU A 140 11.26 16.32 7.68
C GLU A 140 9.87 16.62 8.27
N ARG A 141 9.76 16.51 9.57
CA ARG A 141 8.59 16.97 10.35
C ARG A 141 8.16 18.43 10.08
N LYS A 142 9.12 19.36 10.17
CA LYS A 142 8.89 20.77 9.84
C LYS A 142 8.45 20.94 8.39
N TYR A 143 8.95 20.10 7.48
CA TYR A 143 8.57 20.23 6.09
C TYR A 143 7.09 19.92 5.91
N TRP A 144 6.63 18.81 6.50
CA TRP A 144 5.22 18.37 6.34
C TRP A 144 4.24 19.22 7.16
N LYS A 145 4.74 19.83 8.22
CA LYS A 145 3.94 20.74 9.05
C LYS A 145 3.76 22.11 8.36
N ASN A 146 4.80 22.58 7.67
CA ASN A 146 4.87 23.94 7.15
C ASN A 146 4.76 24.12 5.64
N LEU A 147 4.49 23.01 4.95
CA LEU A 147 4.40 22.91 3.49
C LEU A 147 3.45 23.97 2.85
N THR A 148 2.31 24.22 3.50
CA THR A 148 1.31 25.09 2.93
C THR A 148 1.54 26.57 3.29
N PHE A 149 2.57 26.84 4.13
CA PHE A 149 2.87 28.22 4.59
C PHE A 149 4.11 28.80 3.91
N ASN A 150 4.14 30.12 3.79
CA ASN A 150 5.30 30.83 3.31
C ASN A 150 5.84 30.23 1.99
N PRO A 151 5.08 30.35 0.90
CA PRO A 151 5.47 29.74 -0.40
C PRO A 151 6.89 30.02 -0.87
N PRO A 152 7.69 28.98 -1.11
CA PRO A 152 9.05 29.21 -1.59
C PRO A 152 9.10 29.43 -3.10
N ILE A 153 10.28 29.80 -3.60
CA ILE A 153 10.46 29.88 -5.04
C ILE A 153 11.48 28.80 -5.47
N TYR A 154 11.10 28.02 -6.49
CA TYR A 154 11.96 26.96 -7.04
C TYR A 154 12.52 27.45 -8.40
N GLY A 155 13.85 27.57 -8.53
CA GLY A 155 14.47 27.77 -9.83
C GLY A 155 14.47 26.50 -10.68
N ALA A 156 13.29 26.07 -11.08
CA ALA A 156 13.07 24.76 -11.62
C ALA A 156 13.15 24.82 -13.16
N ASP A 157 13.56 23.73 -13.79
CA ASP A 157 13.50 23.57 -15.28
C ASP A 157 14.31 24.54 -16.08
N VAL A 158 15.55 24.76 -15.65
CA VAL A 158 16.39 25.71 -16.33
C VAL A 158 17.19 24.90 -17.37
N ASN A 159 17.12 25.34 -18.63
CA ASN A 159 17.85 24.67 -19.68
C ASN A 159 19.32 24.95 -19.54
N GLY A 160 20.10 23.91 -19.25
CA GLY A 160 21.54 24.03 -19.17
C GLY A 160 22.22 22.89 -18.45
N THR A 161 23.54 23.01 -18.36
CA THR A 161 24.39 22.01 -17.71
C THR A 161 25.49 22.78 -17.00
N LEU A 162 25.98 22.20 -15.91
CA LEU A 162 27.16 22.72 -15.22
C LEU A 162 28.38 21.77 -15.38
N TYR A 163 28.24 20.77 -16.25
CA TYR A 163 29.39 19.96 -16.65
C TYR A 163 30.31 20.76 -17.59
N GLU A 164 31.62 20.73 -17.32
CA GLU A 164 32.60 21.24 -18.27
C GLU A 164 32.58 20.33 -19.52
N LYS A 165 32.89 20.92 -20.68
CA LYS A 165 32.92 20.25 -22.02
C LYS A 165 33.62 18.88 -22.09
N HIS A 166 34.72 18.73 -21.33
CA HIS A 166 35.60 17.56 -21.40
C HIS A 166 35.30 16.43 -20.42
N VAL A 167 34.22 16.51 -19.67
CA VAL A 167 33.91 15.46 -18.69
C VAL A 167 33.23 14.30 -19.41
N ASP A 168 33.94 13.18 -19.51
CA ASP A 168 33.46 12.07 -20.32
C ASP A 168 32.65 11.07 -19.50
N GLU A 169 32.91 11.02 -18.19
CA GLU A 169 32.24 10.08 -17.29
C GLU A 169 30.92 10.64 -16.70
N TRP A 170 29.78 10.01 -16.98
CA TRP A 170 28.47 10.39 -16.35
C TRP A 170 28.07 11.85 -16.60
N ASN A 171 28.42 12.34 -17.78
CA ASN A 171 28.03 13.65 -18.24
C ASN A 171 26.58 13.60 -18.67
N ILE A 172 25.71 14.27 -17.90
CA ILE A 172 24.25 14.32 -18.11
C ILE A 172 23.89 14.91 -19.49
N GLY A 173 24.77 15.73 -20.04
CA GLY A 173 24.67 16.19 -21.42
C GLY A 173 24.91 15.13 -22.49
N ARG A 174 25.50 14.00 -22.12
CA ARG A 174 25.82 12.93 -23.07
C ARG A 174 26.08 11.55 -22.40
N LEU A 175 24.97 10.95 -21.99
CA LEU A 175 25.00 9.65 -21.32
C LEU A 175 25.23 8.45 -22.31
N ARG A 176 24.90 8.66 -23.59
CA ARG A 176 25.10 7.68 -24.64
C ARG A 176 24.26 6.42 -24.39
N THR A 177 22.96 6.61 -24.14
CA THR A 177 22.01 5.49 -23.96
C THR A 177 21.12 5.37 -25.19
N ILE A 178 20.29 4.36 -25.25
CA ILE A 178 19.46 4.20 -26.45
C ILE A 178 18.38 5.30 -26.55
N LEU A 179 18.18 6.11 -25.50
CA LEU A 179 17.34 7.34 -25.61
C LEU A 179 17.76 8.25 -26.78
N ASP A 180 19.05 8.22 -27.10
CA ASP A 180 19.62 9.00 -28.15
C ASP A 180 19.01 8.71 -29.52
N LEU A 181 18.33 7.58 -29.65
CA LEU A 181 17.69 7.21 -30.89
C LEU A 181 16.53 8.17 -31.29
N VAL A 182 15.82 8.77 -30.33
CA VAL A 182 14.82 9.86 -30.57
C VAL A 182 15.42 10.98 -31.45
N GLU A 183 16.39 11.71 -30.92
CA GLU A 183 17.03 12.78 -31.67
C GLU A 183 17.75 12.28 -32.95
N LYS A 184 18.38 11.12 -32.85
CA LYS A 184 19.07 10.54 -34.00
C LYS A 184 18.14 10.36 -35.19
N GLU A 185 17.04 9.69 -34.93
CA GLU A 185 16.10 9.29 -35.97
C GLU A 185 15.27 10.47 -36.48
N SER A 186 14.75 11.26 -35.55
CA SER A 186 13.68 12.25 -35.79
C SER A 186 14.10 13.75 -35.73
N GLY A 187 15.22 14.04 -35.05
CA GLY A 187 15.70 15.41 -34.81
C GLY A 187 15.05 16.05 -33.58
N ILE A 188 14.12 15.34 -32.96
CA ILE A 188 13.29 15.86 -31.89
C ILE A 188 14.03 15.88 -30.56
N THR A 189 14.10 17.06 -29.93
CA THR A 189 14.63 17.19 -28.58
C THR A 189 13.52 17.66 -27.68
N ILE A 190 13.48 17.11 -26.48
CA ILE A 190 12.42 17.38 -25.54
C ILE A 190 13.13 17.87 -24.31
N GLU A 191 12.89 19.12 -23.93
CA GLU A 191 13.63 19.75 -22.84
C GLU A 191 13.48 19.00 -21.56
N GLY A 192 14.61 18.78 -20.88
CA GLY A 192 14.68 17.98 -19.68
C GLY A 192 14.60 16.44 -19.86
N VAL A 193 14.17 15.96 -21.03
CA VAL A 193 14.02 14.52 -21.29
C VAL A 193 15.28 14.00 -22.00
N ASN A 194 15.57 14.51 -23.20
CA ASN A 194 16.85 14.23 -23.82
C ASN A 194 17.72 15.46 -23.85
N THR A 195 17.40 16.48 -23.05
CA THR A 195 18.35 17.58 -22.79
C THR A 195 18.38 17.81 -21.27
N PRO A 196 19.44 18.43 -20.75
CA PRO A 196 19.56 18.64 -19.31
C PRO A 196 18.76 19.83 -18.74
N TYR A 197 18.35 19.67 -17.48
CA TYR A 197 17.65 20.69 -16.70
C TYR A 197 18.40 20.89 -15.41
N LEU A 198 18.54 22.16 -15.01
CA LEU A 198 19.12 22.57 -13.73
C LEU A 198 18.00 23.03 -12.81
N TYR A 199 18.17 22.73 -11.53
CA TYR A 199 17.21 23.08 -10.49
C TYR A 199 17.96 23.78 -9.38
N PHE A 200 17.71 25.08 -9.19
CA PHE A 200 18.10 25.80 -7.94
C PHE A 200 16.97 25.76 -6.89
N GLY A 201 17.24 25.05 -5.80
CA GLY A 201 16.31 24.86 -4.74
C GLY A 201 16.53 25.87 -3.61
N MET A 202 15.54 25.99 -2.76
CA MET A 202 15.66 26.67 -1.51
C MET A 202 14.93 25.77 -0.54
N TRP A 203 14.96 26.09 0.74
CA TRP A 203 14.28 25.29 1.75
C TRP A 203 12.80 25.15 1.39
N LYS A 204 12.28 23.90 1.43
CA LYS A 204 10.85 23.63 1.46
C LYS A 204 10.32 23.65 0.03
N THR A 205 11.19 23.81 -0.97
CA THR A 205 10.79 23.58 -2.37
C THR A 205 10.65 22.07 -2.61
N SER A 206 9.64 21.73 -3.41
CA SER A 206 9.08 20.40 -3.50
C SER A 206 9.06 19.86 -4.95
N PHE A 207 9.24 18.55 -5.04
CA PHE A 207 8.84 17.81 -6.22
C PHE A 207 7.79 16.78 -5.83
N ALA A 208 6.69 16.86 -6.52
CA ALA A 208 5.53 16.08 -6.29
C ALA A 208 5.73 14.63 -6.82
N TRP A 209 4.88 13.74 -6.32
CA TRP A 209 4.82 12.34 -6.79
C TRP A 209 4.64 12.20 -8.31
N HIS A 210 5.61 11.53 -8.92
CA HIS A 210 5.54 11.15 -10.30
C HIS A 210 6.52 9.99 -10.68
N THR A 211 6.23 9.43 -11.83
CA THR A 211 7.20 8.70 -12.64
C THR A 211 7.66 9.64 -13.75
N GLU A 212 8.72 9.26 -14.44
CA GLU A 212 9.24 10.08 -15.52
C GLU A 212 8.31 10.08 -16.70
N ASP A 213 8.45 11.11 -17.54
CA ASP A 213 7.70 11.04 -18.79
C ASP A 213 8.08 9.74 -19.52
N MET A 214 7.08 9.11 -20.16
CA MET A 214 7.20 7.82 -20.87
C MET A 214 7.70 6.67 -20.02
N ASP A 215 7.66 6.88 -18.71
CA ASP A 215 8.15 6.00 -17.68
C ASP A 215 9.62 5.66 -17.85
N LEU A 216 10.39 6.68 -18.30
CA LEU A 216 11.83 6.56 -18.46
C LEU A 216 12.59 6.46 -17.16
N TYR A 217 13.91 6.24 -17.27
CA TYR A 217 14.83 6.47 -16.14
C TYR A 217 15.13 7.98 -16.00
N SER A 218 15.53 8.37 -14.81
CA SER A 218 16.15 9.65 -14.65
C SER A 218 17.46 9.47 -13.92
N ILE A 219 18.33 10.43 -14.18
CA ILE A 219 19.61 10.66 -13.45
C ILE A 219 19.57 12.08 -12.80
N ASN A 220 19.84 12.19 -11.50
CA ASN A 220 19.91 13.49 -10.81
C ASN A 220 21.28 13.67 -10.15
N TYR A 221 22.00 14.72 -10.51
CA TYR A 221 23.24 15.04 -9.83
C TYR A 221 23.11 16.33 -9.02
N LEU A 222 23.42 16.28 -7.74
CA LEU A 222 23.40 17.48 -6.86
C LEU A 222 24.76 18.16 -6.90
N HIS A 223 24.88 19.22 -7.70
CA HIS A 223 26.19 19.88 -7.93
C HIS A 223 26.78 20.50 -6.67
N PHE A 224 25.93 21.12 -5.85
CA PHE A 224 26.38 21.80 -4.64
C PHE A 224 25.17 22.18 -3.76
N GLY A 225 25.43 22.53 -2.52
CA GLY A 225 24.42 23.17 -1.68
C GLY A 225 23.93 22.23 -0.62
N GLU A 226 22.72 22.50 -0.14
CA GLU A 226 22.10 21.68 0.89
C GLU A 226 21.38 20.46 0.26
N PRO A 227 21.16 19.41 1.07
CA PRO A 227 20.58 18.20 0.52
C PRO A 227 19.23 18.32 -0.14
N LYS A 228 18.89 17.20 -0.78
CA LYS A 228 17.64 16.95 -1.43
C LYS A 228 17.13 15.60 -0.87
N SER A 229 15.95 15.57 -0.25
CA SER A 229 15.42 14.34 0.30
C SER A 229 14.41 13.72 -0.66
N TRP A 230 14.38 12.40 -0.68
CA TRP A 230 13.64 11.62 -1.68
C TRP A 230 12.75 10.60 -0.96
N TYR A 231 11.56 10.41 -1.51
CA TYR A 231 10.68 9.29 -1.20
C TYR A 231 10.57 8.51 -2.52
N SER A 232 10.44 7.18 -2.39
CA SER A 232 10.37 6.26 -3.54
CA SER A 232 10.36 6.27 -3.55
C SER A 232 9.36 5.14 -3.25
N VAL A 233 8.50 4.86 -4.21
CA VAL A 233 7.69 3.66 -4.18
C VAL A 233 8.25 2.65 -5.22
N PRO A 234 8.48 1.39 -4.78
CA PRO A 234 8.86 0.33 -5.76
C PRO A 234 7.90 0.17 -6.97
N PRO A 235 8.43 0.11 -8.20
CA PRO A 235 7.59 -0.09 -9.42
C PRO A 235 6.57 -1.22 -9.36
N GLU A 236 6.95 -2.31 -8.72
CA GLU A 236 6.03 -3.42 -8.45
C GLU A 236 4.81 -3.04 -7.58
N HIS A 237 4.86 -1.89 -6.87
CA HIS A 237 3.71 -1.38 -6.09
C HIS A 237 3.19 -0.04 -6.60
N GLY A 238 3.71 0.42 -7.72
CA GLY A 238 3.32 1.69 -8.33
C GLY A 238 1.82 1.82 -8.53
N LYS A 239 1.21 0.72 -8.96
CA LYS A 239 -0.21 0.69 -9.27
C LYS A 239 -1.04 0.90 -8.04
N ARG A 240 -0.62 0.35 -6.90
CA ARG A 240 -1.34 0.57 -5.64
CA ARG A 240 -1.37 0.57 -5.65
C ARG A 240 -1.28 2.04 -5.26
N LEU A 241 -0.14 2.68 -5.49
CA LEU A 241 -0.05 4.11 -5.28
C LEU A 241 -1.05 4.92 -6.15
N GLU A 242 -1.10 4.65 -7.45
CA GLU A 242 -2.08 5.32 -8.30
C GLU A 242 -3.53 5.04 -7.88
N ARG A 243 -3.82 3.84 -7.41
CA ARG A 243 -5.22 3.55 -7.01
C ARG A 243 -5.62 4.31 -5.76
N LEU A 244 -4.66 4.53 -4.87
CA LEU A 244 -4.86 5.28 -3.65
C LEU A 244 -5.01 6.79 -3.97
N ALA A 245 -4.07 7.36 -4.70
CA ALA A 245 -4.20 8.72 -5.21
C ALA A 245 -5.52 9.01 -5.95
N LYS A 246 -6.01 8.08 -6.77
CA LYS A 246 -7.34 8.22 -7.38
C LYS A 246 -8.48 8.36 -6.36
N GLY A 247 -8.45 7.58 -5.28
CA GLY A 247 -9.43 7.73 -4.20
C GLY A 247 -9.26 8.99 -3.36
N PHE A 248 -8.02 9.46 -3.18
CA PHE A 248 -7.72 10.67 -2.42
C PHE A 248 -8.07 11.97 -3.17
N PHE A 249 -7.93 11.97 -4.51
CA PHE A 249 -8.23 13.11 -5.41
C PHE A 249 -9.13 12.64 -6.55
N PRO A 250 -10.38 12.29 -6.24
CA PRO A 250 -11.30 11.76 -7.29
C PRO A 250 -11.70 12.75 -8.39
N GLY A 251 -11.73 14.05 -8.08
CA GLY A 251 -11.93 15.04 -9.10
C GLY A 251 -10.90 14.89 -10.21
N SER A 252 -9.64 15.04 -9.82
CA SER A 252 -8.49 14.91 -10.72
C SER A 252 -8.52 13.64 -11.55
N ALA A 253 -8.91 12.52 -10.94
CA ALA A 253 -8.93 11.23 -11.60
C ALA A 253 -9.92 11.21 -12.78
N GLN A 254 -11.14 11.69 -12.56
CA GLN A 254 -12.16 11.69 -13.63
C GLN A 254 -11.79 12.61 -14.80
N SER A 255 -10.96 13.63 -14.56
CA SER A 255 -10.57 14.57 -15.63
C SER A 255 -9.27 14.18 -16.37
N CYS A 256 -8.52 13.23 -15.81
CA CYS A 256 -7.33 12.75 -16.46
C CYS A 256 -6.95 11.36 -15.94
N GLU A 257 -6.75 10.46 -16.90
CA GLU A 257 -6.10 9.16 -16.66
C GLU A 257 -4.88 9.38 -15.75
N ALA A 258 -3.84 9.96 -16.31
CA ALA A 258 -2.56 10.06 -15.65
C ALA A 258 -2.36 11.40 -14.91
N PHE A 259 -3.25 11.76 -13.98
CA PHE A 259 -3.18 13.10 -13.33
C PHE A 259 -1.92 13.29 -12.49
N LEU A 260 -1.29 12.20 -12.00
CA LEU A 260 0.02 12.34 -11.34
C LEU A 260 1.13 12.90 -12.24
N ARG A 261 0.96 12.78 -13.54
CA ARG A 261 1.93 13.36 -14.51
C ARG A 261 1.93 14.88 -14.54
N HIS A 262 0.90 15.52 -13.98
CA HIS A 262 0.94 16.98 -13.83
C HIS A 262 1.95 17.44 -12.79
N LYS A 263 2.48 16.52 -11.98
CA LYS A 263 3.47 16.82 -10.96
CA LYS A 263 3.48 16.81 -10.96
C LYS A 263 3.00 17.89 -9.97
N MET A 264 1.71 17.79 -9.56
CA MET A 264 1.11 18.71 -8.60
C MET A 264 0.67 18.01 -7.31
N THR A 265 0.97 16.72 -7.15
CA THR A 265 0.33 15.93 -6.11
C THR A 265 1.30 15.47 -5.05
N LEU A 266 1.08 15.97 -3.83
CA LEU A 266 1.95 15.68 -2.68
C LEU A 266 1.17 14.84 -1.69
N ILE A 267 1.83 13.77 -1.26
CA ILE A 267 1.27 12.85 -0.31
C ILE A 267 2.32 12.56 0.71
N SER A 268 1.97 12.68 1.99
CA SER A 268 2.95 12.51 3.07
C SER A 268 3.30 11.01 3.33
N PRO A 269 4.53 10.72 3.79
CA PRO A 269 4.90 9.35 4.13
C PRO A 269 3.98 8.70 5.20
N LEU A 270 3.48 9.48 6.14
CA LEU A 270 2.48 8.99 7.08
C LEU A 270 1.16 8.56 6.42
N MET A 271 0.77 9.21 5.35
CA MET A 271 -0.40 8.76 4.57
C MET A 271 -0.15 7.47 3.81
N LEU A 272 1.03 7.38 3.19
CA LEU A 272 1.43 6.17 2.52
C LEU A 272 1.43 5.00 3.48
N LYS A 273 2.01 5.20 4.67
CA LYS A 273 2.12 4.17 5.66
C LYS A 273 0.73 3.76 6.26
N LYS A 274 -0.16 4.74 6.44
CA LYS A 274 -1.55 4.49 6.93
C LYS A 274 -2.36 3.66 5.92
N TYR A 275 -2.05 3.77 4.63
CA TYR A 275 -2.79 3.02 3.59
C TYR A 275 -1.94 1.91 2.94
N GLY A 276 -0.90 1.46 3.63
CA GLY A 276 -0.14 0.27 3.25
C GLY A 276 0.67 0.32 1.96
N ILE A 277 1.12 1.50 1.54
CA ILE A 277 2.03 1.63 0.40
C ILE A 277 3.50 1.50 0.88
N PRO A 278 4.24 0.49 0.36
CA PRO A 278 5.66 0.41 0.67
C PRO A 278 6.36 1.55 0.02
N PHE A 279 7.34 2.12 0.71
CA PHE A 279 8.09 3.25 0.18
C PHE A 279 9.38 3.26 1.01
N ASP A 280 10.40 3.93 0.51
CA ASP A 280 11.65 4.10 1.24
C ASP A 280 12.02 5.59 1.10
N LYS A 281 12.94 6.06 1.92
CA LYS A 281 13.39 7.43 1.83
C LYS A 281 14.91 7.47 1.81
N VAL A 282 15.49 8.53 1.23
CA VAL A 282 16.94 8.67 1.23
C VAL A 282 17.26 10.14 1.00
N THR A 283 18.40 10.59 1.54
CA THR A 283 18.81 11.96 1.40
C THR A 283 20.05 12.05 0.51
N GLN A 284 19.95 12.81 -0.56
CA GLN A 284 21.03 13.03 -1.48
C GLN A 284 21.89 14.24 -1.07
N GLU A 285 23.21 14.09 -1.13
CA GLU A 285 24.12 15.16 -0.69
C GLU A 285 24.91 15.70 -1.87
N ALA A 286 25.49 16.90 -1.75
CA ALA A 286 26.27 17.48 -2.86
C ALA A 286 27.28 16.42 -3.27
N GLY A 287 27.54 16.31 -4.57
CA GLY A 287 28.41 15.28 -5.13
C GLY A 287 27.83 13.89 -5.37
N GLU A 288 26.56 13.68 -5.12
CA GLU A 288 25.93 12.39 -5.29
C GLU A 288 24.89 12.37 -6.42
N PHE A 289 24.83 11.21 -7.08
CA PHE A 289 23.92 10.92 -8.15
C PHE A 289 22.76 10.12 -7.58
N MET A 290 21.55 10.36 -8.08
CA MET A 290 20.42 9.47 -7.80
C MET A 290 19.98 8.99 -9.15
N ILE A 291 19.57 7.75 -9.22
CA ILE A 291 18.96 7.16 -10.43
C ILE A 291 17.56 6.76 -10.07
N THR A 292 16.59 7.12 -10.91
CA THR A 292 15.28 6.54 -10.78
C THR A 292 15.00 5.62 -11.96
N PHE A 293 14.20 4.58 -11.70
CA PHE A 293 13.94 3.53 -12.67
C PHE A 293 12.56 3.61 -13.29
N PRO A 294 12.37 3.01 -14.48
CA PRO A 294 11.07 3.02 -15.14
C PRO A 294 9.92 2.71 -14.17
N TYR A 295 8.91 3.57 -14.15
CA TYR A 295 7.75 3.40 -13.29
C TYR A 295 8.03 3.46 -11.78
N GLY A 296 9.17 4.04 -11.39
CA GLY A 296 9.48 4.29 -10.01
C GLY A 296 8.98 5.68 -9.57
N TYR A 297 7.84 5.67 -8.85
CA TYR A 297 7.26 6.89 -8.28
C TYR A 297 8.20 7.47 -7.23
N HIS A 298 8.60 8.72 -7.43
CA HIS A 298 9.38 9.49 -6.47
C HIS A 298 8.77 10.93 -6.21
N ALA A 299 9.09 11.44 -5.03
CA ALA A 299 8.77 12.80 -4.57
C ALA A 299 9.86 13.21 -3.58
N GLY A 300 9.88 14.49 -3.26
CA GLY A 300 10.78 14.99 -2.29
C GLY A 300 10.82 16.51 -2.11
N PHE A 301 11.85 16.97 -1.44
CA PHE A 301 12.02 18.39 -1.15
C PHE A 301 13.50 18.73 -0.93
N ASN A 302 13.80 20.00 -1.11
CA ASN A 302 15.12 20.55 -0.87
C ASN A 302 15.26 21.14 0.52
N HIS A 303 16.43 20.94 1.13
CA HIS A 303 16.72 21.36 2.48
C HIS A 303 17.10 22.80 2.55
N GLY A 304 17.69 23.31 1.48
CA GLY A 304 18.17 24.68 1.49
C GLY A 304 18.57 25.05 0.11
N PHE A 305 19.41 26.07 0.02
CA PHE A 305 19.89 26.53 -1.28
C PHE A 305 20.78 25.45 -1.94
N ASN A 306 20.43 25.04 -3.14
CA ASN A 306 21.22 23.99 -3.79
C ASN A 306 21.12 24.05 -5.28
N CYS A 307 21.91 23.21 -5.96
CA CYS A 307 21.77 23.07 -7.41
C CYS A 307 21.87 21.61 -7.85
N ALA A 308 20.81 21.11 -8.52
CA ALA A 308 20.75 19.77 -9.13
C ALA A 308 20.68 19.88 -10.64
N GLU A 309 21.21 18.86 -11.33
CA GLU A 309 21.11 18.73 -12.80
C GLU A 309 20.44 17.36 -13.09
N SER A 310 19.46 17.32 -13.99
CA SER A 310 18.88 16.04 -14.32
C SER A 310 18.48 15.94 -15.78
N THR A 311 18.24 14.71 -16.18
CA THR A 311 17.77 14.35 -17.52
C THR A 311 17.25 12.92 -17.43
N ASN A 312 16.63 12.46 -18.50
CA ASN A 312 16.11 11.13 -18.59
C ASN A 312 17.08 10.30 -19.40
N PHE A 313 16.92 9.00 -19.32
CA PHE A 313 17.69 8.08 -20.15
C PHE A 313 16.94 6.76 -20.26
N ALA A 314 17.47 5.85 -21.05
CA ALA A 314 16.79 4.60 -21.37
C ALA A 314 17.77 3.40 -21.36
N THR A 315 17.24 2.23 -21.10
CA THR A 315 17.91 0.97 -21.39
C THR A 315 16.94 0.11 -22.22
N ARG A 316 17.40 -1.04 -22.70
CA ARG A 316 16.51 -1.91 -23.47
C ARG A 316 15.24 -2.29 -22.71
N ARG A 317 15.36 -2.49 -21.41
CA ARG A 317 14.23 -2.87 -20.56
C ARG A 317 13.08 -1.82 -20.57
N TRP A 318 13.45 -0.56 -20.78
CA TRP A 318 12.51 0.53 -20.79
C TRP A 318 11.51 0.43 -21.96
N ILE A 319 11.92 -0.22 -23.07
CA ILE A 319 11.11 -0.18 -24.27
C ILE A 319 9.67 -0.63 -23.99
N GLU A 320 9.54 -1.62 -23.11
CA GLU A 320 8.24 -2.20 -22.82
C GLU A 320 7.42 -1.24 -21.95
N TYR A 321 8.09 -0.56 -21.05
CA TYR A 321 7.47 0.52 -20.27
C TYR A 321 6.96 1.68 -21.11
N GLY A 322 7.77 2.13 -22.05
CA GLY A 322 7.39 3.12 -23.04
C GLY A 322 6.14 2.81 -23.83
N LYS A 323 6.04 1.57 -24.28
CA LYS A 323 4.96 1.08 -25.07
C LYS A 323 3.71 1.05 -24.27
N GLN A 324 3.86 0.77 -22.97
CA GLN A 324 2.74 0.58 -22.05
C GLN A 324 2.35 1.79 -21.23
N ALA A 325 3.16 2.87 -21.29
CA ALA A 325 3.01 4.08 -20.43
C ALA A 325 1.63 4.67 -20.61
N VAL A 326 0.93 4.83 -19.49
CA VAL A 326 -0.33 5.57 -19.41
C VAL A 326 -0.03 7.09 -19.31
N LEU A 327 -0.42 7.81 -20.35
CA LEU A 327 -0.03 9.18 -20.57
C LEU A 327 -1.16 10.16 -20.25
N CYS A 328 -0.80 11.42 -19.97
CA CYS A 328 -1.80 12.47 -19.67
C CYS A 328 -2.78 12.71 -20.86
N SER A 329 -4.10 12.56 -20.58
CA SER A 329 -5.19 12.68 -21.55
C SER A 329 -5.91 14.05 -21.66
N CYS A 330 -5.51 15.00 -20.82
CA CYS A 330 -6.11 16.34 -20.74
C CYS A 330 -5.19 17.43 -21.20
N ARG A 331 -3.99 17.09 -21.61
CA ARG A 331 -3.18 17.96 -22.45
C ARG A 331 -2.36 18.95 -21.65
N LYS A 332 -2.30 18.75 -20.32
CA LYS A 332 -1.42 19.51 -19.44
C LYS A 332 0.04 19.05 -19.57
N ASP A 333 0.23 17.73 -19.71
CA ASP A 333 1.53 17.16 -19.95
C ASP A 333 1.57 16.66 -21.43
N MET A 334 2.37 17.32 -22.27
CA MET A 334 2.29 17.07 -23.67
C MET A 334 3.34 16.06 -24.10
N VAL A 335 4.21 15.61 -23.18
CA VAL A 335 5.41 14.83 -23.56
C VAL A 335 5.07 13.39 -23.90
N LYS A 336 5.33 13.05 -25.16
CA LYS A 336 5.01 11.76 -25.74
C LYS A 336 6.10 11.44 -26.75
N ILE A 337 6.74 10.30 -26.58
CA ILE A 337 7.79 9.79 -27.48
C ILE A 337 7.19 8.67 -28.31
N SER A 338 7.39 8.76 -29.63
CA SER A 338 7.05 7.69 -30.57
C SER A 338 7.91 6.43 -30.31
N MET A 339 7.25 5.32 -30.03
CA MET A 339 7.93 4.07 -29.69
C MET A 339 8.35 3.23 -30.91
N ASP A 340 7.89 3.63 -32.08
CA ASP A 340 8.06 2.86 -33.30
C ASP A 340 9.52 2.44 -33.58
N VAL A 341 10.43 3.39 -33.46
CA VAL A 341 11.85 3.16 -33.78
C VAL A 341 12.51 2.15 -32.84
N PHE A 342 12.11 2.18 -31.58
CA PHE A 342 12.57 1.24 -30.56
C PHE A 342 12.02 -0.17 -30.79
N VAL A 343 10.74 -0.27 -31.19
CA VAL A 343 10.09 -1.56 -31.39
C VAL A 343 10.57 -2.19 -32.70
N ARG A 344 10.78 -1.37 -33.73
CA ARG A 344 11.36 -1.86 -34.98
C ARG A 344 12.77 -2.42 -34.75
N LYS A 345 13.62 -1.66 -34.06
CA LYS A 345 15.01 -2.01 -33.91
C LYS A 345 15.23 -3.16 -32.90
N PHE A 346 14.57 -3.11 -31.74
CA PHE A 346 14.87 -4.01 -30.65
C PHE A 346 13.82 -5.10 -30.42
N GLN A 347 12.69 -5.02 -31.10
CA GLN A 347 11.65 -6.03 -30.95
C GLN A 347 10.97 -6.29 -32.27
N PRO A 348 11.75 -6.55 -33.34
CA PRO A 348 11.20 -6.75 -34.71
C PRO A 348 10.15 -7.88 -34.86
N GLU A 349 10.25 -8.96 -34.06
CA GLU A 349 9.18 -10.01 -33.97
C GLU A 349 7.82 -9.38 -33.77
N ARG A 350 7.77 -8.50 -32.76
CA ARG A 350 6.49 -8.07 -32.21
C ARG A 350 6.03 -6.79 -32.86
N TYR A 351 6.78 -6.25 -33.81
CA TYR A 351 6.44 -4.99 -34.46
C TYR A 351 5.06 -5.00 -35.15
N LYS A 352 4.80 -6.01 -35.98
CA LYS A 352 3.50 -6.11 -36.66
C LYS A 352 2.34 -6.39 -35.69
N LEU A 353 2.60 -7.19 -34.65
CA LEU A 353 1.63 -7.47 -33.57
C LEU A 353 1.34 -6.21 -32.77
N TRP A 354 2.40 -5.57 -32.30
CA TRP A 354 2.34 -4.31 -31.63
C TRP A 354 1.57 -3.26 -32.45
N LYS A 355 1.90 -3.17 -33.74
CA LYS A 355 1.22 -2.26 -34.67
C LYS A 355 -0.26 -2.64 -34.87
N ALA A 356 -0.55 -3.93 -34.94
CA ALA A 356 -1.96 -4.36 -34.95
C ALA A 356 -2.64 -4.15 -33.58
N GLY A 357 -1.87 -3.69 -32.57
CA GLY A 357 -2.39 -3.47 -31.22
C GLY A 357 -2.74 -4.77 -30.51
N LYS A 358 -1.94 -5.79 -30.73
CA LYS A 358 -2.16 -7.14 -30.20
C LYS A 358 -1.05 -7.54 -29.22
N ASP A 359 -0.15 -6.62 -28.90
CA ASP A 359 1.03 -6.96 -28.09
C ASP A 359 0.67 -6.89 -26.59
N ASN A 360 0.33 -8.07 -26.06
CA ASN A 360 -0.19 -8.28 -24.70
C ASN A 360 0.90 -8.73 -23.68
N THR A 361 2.16 -8.40 -23.94
CA THR A 361 3.27 -8.56 -22.97
C THR A 361 2.93 -7.95 -21.60
N VAL A 362 3.14 -8.73 -20.56
CA VAL A 362 3.04 -8.25 -19.18
C VAL A 362 4.45 -7.89 -18.68
N ILE A 363 4.63 -6.70 -18.07
CA ILE A 363 5.96 -6.33 -17.53
C ILE A 363 6.19 -7.00 -16.19
N ASP A 364 7.40 -7.53 -16.00
CA ASP A 364 7.90 -8.04 -14.72
C ASP A 364 8.92 -7.03 -14.23
N HIS A 365 8.52 -6.30 -13.18
CA HIS A 365 9.30 -5.20 -12.62
C HIS A 365 10.60 -5.64 -11.95
N THR A 366 10.68 -6.91 -11.55
CA THR A 366 11.86 -7.43 -10.86
C THR A 366 13.00 -7.77 -11.82
N LEU A 367 12.69 -7.82 -13.10
CA LEU A 367 13.64 -8.36 -14.07
C LEU A 367 14.66 -7.27 -14.43
N PRO A 368 15.98 -7.58 -14.34
CA PRO A 368 17.01 -6.62 -14.74
C PRO A 368 17.06 -6.46 -16.26
N THR A 369 17.72 -5.41 -16.74
CA THR A 369 17.76 -5.14 -18.16
C THR A 369 18.62 -6.22 -18.81
N PRO A 370 18.32 -6.61 -20.08
CA PRO A 370 19.15 -7.56 -20.83
C PRO A 370 20.68 -7.32 -20.80
N GLU A 371 21.11 -6.06 -20.78
CA GLU A 371 22.54 -5.69 -20.77
C GLU A 371 23.23 -6.17 -19.49
N ALA A 372 22.42 -6.58 -18.50
CA ALA A 372 22.93 -7.08 -17.19
C ALA A 372 23.40 -8.55 -17.20
N ALA A 373 23.18 -9.27 -18.31
CA ALA A 373 23.61 -10.70 -18.44
C ALA A 373 25.10 -10.84 -18.26
N GLU A 374 25.84 -9.88 -18.79
CA GLU A 374 27.29 -9.70 -18.55
C GLU A 374 27.74 -9.94 -17.08
N PHE A 375 26.96 -9.46 -16.12
CA PHE A 375 27.30 -9.53 -14.69
C PHE A 375 26.52 -10.64 -13.99
N LEU A 376 25.58 -11.25 -14.70
CA LEU A 376 24.78 -12.37 -14.17
C LEU A 376 25.27 -13.68 -14.75
N THR B 29 -16.04 12.34 6.76
CA THR B 29 -14.76 13.12 6.57
C THR B 29 -13.52 12.23 6.82
N LEU B 30 -13.62 11.34 7.81
CA LEU B 30 -12.54 10.42 8.17
C LEU B 30 -12.51 9.20 7.21
N ASN B 31 -11.36 8.97 6.56
CA ASN B 31 -11.19 7.87 5.59
C ASN B 31 -12.28 7.86 4.52
N PRO B 32 -12.43 8.97 3.80
CA PRO B 32 -13.57 9.07 2.86
C PRO B 32 -13.58 7.96 1.79
N SER B 33 -12.39 7.44 1.47
CA SER B 33 -12.27 6.47 0.39
C SER B 33 -12.61 5.09 0.92
N ALA B 34 -12.86 4.99 2.24
CA ALA B 34 -13.23 3.74 2.92
C ALA B 34 -12.23 2.58 2.63
N ARG B 35 -10.96 2.94 2.48
CA ARG B 35 -9.89 2.00 2.23
C ARG B 35 -9.33 1.44 3.53
N ILE B 36 -8.75 0.26 3.44
CA ILE B 36 -8.19 -0.43 4.57
C ILE B 36 -6.94 0.30 5.04
N MET B 37 -6.92 0.57 6.33
CA MET B 37 -5.85 1.33 6.91
C MET B 37 -5.05 0.42 7.80
N THR B 38 -3.76 0.74 7.91
CA THR B 38 -2.78 0.01 8.71
C THR B 38 -2.25 0.99 9.73
N PHE B 39 -2.06 0.52 10.96
CA PHE B 39 -1.56 1.34 12.07
C PHE B 39 -0.38 0.63 12.71
N TYR B 40 0.50 1.42 13.28
CA TYR B 40 1.74 1.00 13.92
C TYR B 40 1.87 1.60 15.35
N PRO B 41 1.09 1.09 16.32
CA PRO B 41 1.20 1.65 17.68
C PRO B 41 2.58 1.48 18.29
N THR B 42 3.01 2.48 19.06
CA THR B 42 4.11 2.32 20.00
C THR B 42 3.64 1.45 21.17
N MET B 43 4.58 1.00 21.98
CA MET B 43 4.24 0.16 23.12
C MET B 43 3.23 0.87 24.05
N GLU B 44 3.45 2.16 24.34
CA GLU B 44 2.60 2.91 25.27
C GLU B 44 1.14 2.94 24.79
N GLU B 45 0.91 3.17 23.50
CA GLU B 45 -0.45 3.08 22.88
C GLU B 45 -1.04 1.65 22.79
N PHE B 46 -0.15 0.69 22.63
CA PHE B 46 -0.53 -0.71 22.47
C PHE B 46 -1.13 -1.30 23.74
N ARG B 47 -0.71 -0.77 24.89
CA ARG B 47 -1.09 -1.33 26.17
C ARG B 47 -2.58 -1.29 26.43
N ASN B 48 -3.23 -0.20 26.06
CA ASN B 48 -4.68 -0.10 26.23
C ASN B 48 -5.41 -0.43 24.92
N PHE B 49 -5.93 -1.68 24.88
CA PHE B 49 -6.55 -2.25 23.69
C PHE B 49 -7.77 -1.45 23.23
N SER B 50 -8.72 -1.28 24.15
CA SER B 50 -10.01 -0.67 23.83
C SER B 50 -9.88 0.82 23.45
N ARG B 51 -8.95 1.53 24.09
CA ARG B 51 -8.60 2.92 23.72
C ARG B 51 -7.98 2.99 22.31
N TYR B 52 -7.17 2.00 21.94
CA TYR B 52 -6.59 2.00 20.61
C TYR B 52 -7.63 1.69 19.54
N ILE B 53 -8.58 0.85 19.85
CA ILE B 53 -9.67 0.63 18.92
C ILE B 53 -10.45 1.95 18.71
N ALA B 54 -10.66 2.71 19.78
CA ALA B 54 -11.34 4.01 19.68
C ALA B 54 -10.50 4.98 18.85
N TYR B 55 -9.19 4.95 19.05
CA TYR B 55 -8.27 5.70 18.22
C TYR B 55 -8.35 5.40 16.72
N ILE B 56 -8.18 4.15 16.34
CA ILE B 56 -8.26 3.80 14.92
C ILE B 56 -9.62 4.21 14.34
N GLU B 57 -10.72 4.03 15.09
CA GLU B 57 -12.04 4.57 14.65
C GLU B 57 -12.03 6.10 14.46
N SER B 58 -11.28 6.82 15.28
CA SER B 58 -11.16 8.29 15.18
C SER B 58 -10.43 8.68 13.92
N GLN B 59 -9.67 7.72 13.35
CA GLN B 59 -8.99 7.91 12.09
C GLN B 59 -9.82 7.44 10.90
N GLY B 60 -11.01 6.91 11.16
CA GLY B 60 -11.92 6.38 10.12
C GLY B 60 -11.74 4.92 9.71
N ALA B 61 -10.99 4.13 10.49
CA ALA B 61 -10.58 2.76 10.10
C ALA B 61 -11.74 1.81 9.85
N HIS B 62 -12.75 1.97 10.71
CA HIS B 62 -14.03 1.23 10.64
C HIS B 62 -14.80 1.35 9.34
N ARG B 63 -14.63 2.43 8.61
CA ARG B 63 -15.39 2.55 7.39
C ARG B 63 -15.04 1.49 6.33
N ALA B 64 -13.79 1.02 6.30
CA ALA B 64 -13.41 -0.09 5.41
C ALA B 64 -13.93 -1.45 5.83
N GLY B 65 -14.34 -1.56 7.09
CA GLY B 65 -14.80 -2.78 7.72
C GLY B 65 -13.70 -3.69 8.20
N LEU B 66 -12.46 -3.35 7.86
CA LEU B 66 -11.33 -4.18 8.15
C LEU B 66 -10.11 -3.29 8.31
N ALA B 67 -9.32 -3.55 9.35
CA ALA B 67 -8.11 -2.81 9.56
C ALA B 67 -6.95 -3.70 9.95
N LYS B 68 -5.72 -3.28 9.62
CA LYS B 68 -4.52 -3.95 10.11
C LYS B 68 -3.78 -3.12 11.20
N VAL B 69 -3.33 -3.81 12.25
CA VAL B 69 -2.55 -3.24 13.31
C VAL B 69 -1.26 -4.06 13.42
N VAL B 70 -0.14 -3.41 13.14
CA VAL B 70 1.18 -3.97 13.31
C VAL B 70 1.66 -3.65 14.73
N PRO B 71 1.88 -4.69 15.57
CA PRO B 71 2.39 -4.49 16.96
C PRO B 71 3.87 -4.09 16.99
N PRO B 72 4.30 -3.49 18.12
CA PRO B 72 5.69 -3.12 18.33
C PRO B 72 6.68 -4.27 18.13
N LYS B 73 7.76 -4.03 17.39
CA LYS B 73 8.84 -5.01 17.23
C LYS B 73 9.19 -5.71 18.56
N GLU B 74 9.03 -4.97 19.66
CA GLU B 74 9.40 -5.44 21.01
C GLU B 74 8.46 -6.50 21.55
N TRP B 75 7.19 -6.38 21.16
CA TRP B 75 6.11 -7.22 21.67
C TRP B 75 6.03 -8.54 20.91
N LYS B 76 6.17 -9.65 21.63
CA LYS B 76 5.84 -11.01 21.14
C LYS B 76 4.80 -11.67 22.10
N PRO B 77 3.81 -12.41 21.57
CA PRO B 77 2.83 -13.05 22.46
C PRO B 77 3.28 -14.39 23.09
N ARG B 78 4.29 -15.02 22.49
CA ARG B 78 4.82 -16.34 22.87
C ARG B 78 6.28 -16.41 22.41
N ALA B 79 7.17 -16.86 23.29
CA ALA B 79 8.61 -16.97 23.00
C ALA B 79 8.91 -17.84 21.78
N SER B 80 8.43 -19.09 21.76
CA SER B 80 8.65 -19.97 20.61
C SER B 80 7.41 -20.77 20.25
N TYR B 81 7.24 -21.08 18.97
CA TYR B 81 6.21 -22.00 18.50
C TYR B 81 6.70 -23.43 18.21
N ASP B 82 7.90 -23.79 18.67
CA ASP B 82 8.44 -25.13 18.38
C ASP B 82 8.09 -26.14 19.47
N ASP B 83 7.03 -25.86 20.22
CA ASP B 83 6.58 -26.75 21.29
C ASP B 83 5.06 -27.02 21.25
N ILE B 84 4.46 -26.92 20.07
CA ILE B 84 3.03 -27.20 19.89
C ILE B 84 2.76 -28.35 18.90
N ASP B 85 3.77 -29.11 18.51
CA ASP B 85 3.54 -30.22 17.58
C ASP B 85 2.46 -31.21 18.06
N ASP B 86 2.35 -31.37 19.38
CA ASP B 86 1.45 -32.38 19.94
C ASP B 86 0.02 -31.87 20.14
N LEU B 87 -0.18 -30.57 19.95
CA LEU B 87 -1.52 -29.98 19.99
C LEU B 87 -2.48 -30.67 19.04
N VAL B 88 -3.66 -31.06 19.56
CA VAL B 88 -4.68 -31.79 18.79
C VAL B 88 -5.66 -30.82 18.14
N ILE B 89 -5.78 -30.94 16.82
CA ILE B 89 -6.85 -30.33 16.03
C ILE B 89 -7.94 -31.40 15.97
N PRO B 90 -9.00 -31.31 16.83
CA PRO B 90 -9.92 -32.44 16.91
C PRO B 90 -10.93 -32.64 15.76
N ALA B 91 -11.15 -31.59 14.99
CA ALA B 91 -12.16 -31.61 13.96
C ALA B 91 -11.67 -30.92 12.70
N PRO B 92 -10.60 -31.46 12.04
CA PRO B 92 -10.19 -30.83 10.80
C PRO B 92 -11.33 -30.91 9.75
N ILE B 93 -11.42 -29.89 8.91
CA ILE B 93 -12.51 -29.76 7.98
C ILE B 93 -11.91 -29.82 6.60
N GLN B 94 -12.35 -30.79 5.81
CA GLN B 94 -12.03 -30.77 4.38
C GLN B 94 -13.09 -29.92 3.70
N GLN B 95 -12.63 -28.93 2.92
CA GLN B 95 -13.53 -27.96 2.28
C GLN B 95 -13.76 -28.25 0.80
N LEU B 96 -14.93 -28.80 0.54
CA LEU B 96 -15.48 -29.04 -0.79
C LEU B 96 -16.24 -27.83 -1.30
N VAL B 97 -15.92 -27.41 -2.52
CA VAL B 97 -16.46 -26.21 -3.08
C VAL B 97 -16.98 -26.54 -4.47
N THR B 98 -18.27 -26.29 -4.65
CA THR B 98 -18.99 -26.43 -5.91
C THR B 98 -19.41 -25.04 -6.41
N GLY B 99 -19.25 -24.78 -7.71
CA GLY B 99 -19.73 -23.56 -8.28
C GLY B 99 -19.05 -23.21 -9.56
N GLN B 100 -19.49 -22.11 -10.15
CA GLN B 100 -18.94 -21.57 -11.38
C GLN B 100 -19.21 -20.06 -11.46
N SER B 101 -18.56 -19.40 -12.42
CA SER B 101 -18.72 -17.96 -12.71
C SER B 101 -18.62 -17.07 -11.48
N GLY B 102 -17.65 -17.36 -10.61
CA GLY B 102 -17.37 -16.56 -9.42
C GLY B 102 -18.26 -16.78 -8.21
N LEU B 103 -19.18 -17.73 -8.30
CA LEU B 103 -20.18 -17.97 -7.30
C LEU B 103 -20.08 -19.40 -6.82
N PHE B 104 -19.83 -19.61 -5.54
CA PHE B 104 -19.58 -20.95 -5.02
C PHE B 104 -20.27 -21.19 -3.70
N THR B 105 -20.57 -22.45 -3.40
CA THR B 105 -20.88 -22.91 -2.03
C THR B 105 -19.82 -23.89 -1.48
N GLN B 106 -19.45 -23.68 -0.23
CA GLN B 106 -18.52 -24.54 0.47
C GLN B 106 -19.24 -25.50 1.39
N TYR B 107 -18.89 -26.79 1.27
CA TYR B 107 -19.41 -27.85 2.11
C TYR B 107 -18.27 -28.44 2.91
N ASN B 108 -18.47 -28.56 4.22
CA ASN B 108 -17.47 -29.07 5.13
C ASN B 108 -17.66 -30.57 5.36
N ILE B 109 -16.54 -31.28 5.30
CA ILE B 109 -16.50 -32.69 5.64
C ILE B 109 -15.54 -32.78 6.81
N GLN B 110 -16.02 -33.23 7.94
CA GLN B 110 -15.17 -33.42 9.10
C GLN B 110 -14.28 -34.65 8.93
N LYS B 111 -12.99 -34.46 9.16
CA LYS B 111 -12.06 -35.55 9.10
C LYS B 111 -11.72 -35.91 10.54
N LYS B 112 -11.02 -37.02 10.73
CA LYS B 112 -10.61 -37.46 12.06
C LYS B 112 -9.59 -36.48 12.64
N ALA B 113 -9.49 -36.48 13.97
CA ALA B 113 -8.52 -35.67 14.70
C ALA B 113 -7.07 -35.91 14.22
N MET B 114 -6.28 -34.85 14.26
CA MET B 114 -4.88 -34.97 13.93
C MET B 114 -4.10 -33.98 14.76
N THR B 115 -2.78 -34.15 14.83
CA THR B 115 -1.97 -33.20 15.58
C THR B 115 -1.46 -32.12 14.63
N VAL B 116 -0.92 -31.05 15.19
CA VAL B 116 -0.30 -29.99 14.40
C VAL B 116 0.86 -30.52 13.53
N ARG B 117 1.63 -31.49 14.05
CA ARG B 117 2.70 -32.08 13.24
C ARG B 117 2.09 -32.79 12.04
N GLU B 118 1.04 -33.56 12.27
CA GLU B 118 0.36 -34.30 11.21
C GLU B 118 -0.25 -33.39 10.15
N PHE B 119 -0.89 -32.32 10.62
CA PHE B 119 -1.44 -31.31 9.74
C PHE B 119 -0.37 -30.59 8.92
N ARG B 120 0.73 -30.20 9.57
CA ARG B 120 1.83 -29.53 8.86
C ARG B 120 2.48 -30.36 7.77
N LYS B 121 2.51 -31.67 7.97
CA LYS B 121 3.09 -32.57 6.97
C LYS B 121 2.15 -32.70 5.76
N ILE B 122 0.84 -32.82 5.99
CA ILE B 122 -0.12 -32.77 4.88
C ILE B 122 -0.14 -31.42 4.12
N ALA B 123 -0.03 -30.31 4.86
CA ALA B 123 0.00 -28.93 4.34
C ALA B 123 1.22 -28.63 3.46
N ASN B 124 2.38 -29.12 3.88
CA ASN B 124 3.63 -28.84 3.20
C ASN B 124 3.99 -29.84 2.14
N SER B 125 3.16 -30.87 1.98
CA SER B 125 3.43 -31.94 1.02
C SER B 125 3.17 -31.42 -0.37
N ASP B 126 3.69 -32.14 -1.36
CA ASP B 126 3.44 -31.83 -2.78
C ASP B 126 1.94 -31.81 -3.11
N LYS B 127 1.16 -32.64 -2.46
CA LYS B 127 -0.28 -32.70 -2.72
C LYS B 127 -0.92 -31.29 -2.48
N TYR B 128 -0.65 -30.69 -1.31
CA TYR B 128 -1.39 -29.54 -0.79
C TYR B 128 -0.62 -28.24 -0.66
N CYS B 129 0.66 -28.21 -1.01
CA CYS B 129 1.45 -27.00 -0.77
C CYS B 129 1.17 -25.87 -1.76
N THR B 130 1.69 -24.70 -1.42
CA THR B 130 1.47 -23.48 -2.15
C THR B 130 2.12 -23.57 -3.54
N PRO B 131 1.36 -23.26 -4.61
CA PRO B 131 1.96 -23.22 -5.93
C PRO B 131 3.12 -22.21 -6.08
N ARG B 132 3.78 -22.25 -7.24
CA ARG B 132 4.85 -21.28 -7.56
C ARG B 132 4.17 -20.01 -7.97
N TYR B 133 4.70 -18.89 -7.51
CA TYR B 133 4.12 -17.61 -7.88
C TYR B 133 5.11 -16.45 -7.75
N SER B 134 4.98 -15.48 -8.65
CA SER B 134 5.67 -14.20 -8.52
C SER B 134 4.92 -13.27 -7.53
N GLU B 135 3.89 -12.57 -8.01
CA GLU B 135 3.17 -11.58 -7.19
C GLU B 135 2.01 -12.24 -6.46
N PHE B 136 1.46 -11.56 -5.48
CA PHE B 136 0.20 -11.98 -4.89
C PHE B 136 -0.93 -12.07 -5.92
N GLU B 137 -0.95 -11.17 -6.89
CA GLU B 137 -2.02 -11.20 -7.90
C GLU B 137 -2.03 -12.55 -8.66
N GLU B 138 -0.86 -13.13 -8.90
CA GLU B 138 -0.75 -14.45 -9.55
C GLU B 138 -1.37 -15.52 -8.65
N LEU B 139 -1.04 -15.48 -7.36
CA LEU B 139 -1.50 -16.48 -6.41
C LEU B 139 -2.98 -16.39 -6.23
N GLU B 140 -3.49 -15.15 -6.20
CA GLU B 140 -4.91 -14.86 -6.08
C GLU B 140 -5.67 -15.40 -7.29
N ARG B 141 -5.11 -15.21 -8.48
CA ARG B 141 -5.70 -15.78 -9.70
C ARG B 141 -5.76 -17.30 -9.62
N LYS B 142 -4.67 -17.89 -9.07
CA LYS B 142 -4.58 -19.35 -8.79
C LYS B 142 -5.63 -19.85 -7.82
N TYR B 143 -5.90 -19.03 -6.81
CA TYR B 143 -6.92 -19.31 -5.83
C TYR B 143 -8.31 -19.44 -6.45
N TRP B 144 -8.75 -18.43 -7.21
CA TRP B 144 -10.08 -18.40 -7.80
C TRP B 144 -10.25 -19.39 -8.98
N LYS B 145 -9.16 -19.70 -9.69
CA LYS B 145 -9.16 -20.70 -10.74
C LYS B 145 -9.29 -22.14 -10.18
N ASN B 146 -8.71 -22.41 -9.02
CA ASN B 146 -8.51 -23.77 -8.49
C ASN B 146 -9.27 -24.14 -7.24
N LEU B 147 -10.16 -23.22 -6.84
CA LEU B 147 -10.95 -23.26 -5.62
C LEU B 147 -11.75 -24.56 -5.44
N THR B 148 -12.32 -25.01 -6.56
CA THR B 148 -13.18 -26.20 -6.60
C THR B 148 -12.41 -27.51 -6.80
N PHE B 149 -11.09 -27.40 -6.95
CA PHE B 149 -10.20 -28.55 -7.17
C PHE B 149 -9.39 -28.85 -5.93
N ASN B 150 -9.00 -30.10 -5.79
CA ASN B 150 -8.09 -30.54 -4.74
C ASN B 150 -8.48 -29.99 -3.35
N PRO B 151 -9.63 -30.43 -2.82
CA PRO B 151 -10.18 -29.88 -1.58
C PRO B 151 -9.20 -29.89 -0.40
N PRO B 152 -8.89 -28.70 0.16
CA PRO B 152 -7.92 -28.68 1.26
C PRO B 152 -8.52 -29.05 2.62
N ILE B 153 -7.68 -29.10 3.64
CA ILE B 153 -8.14 -29.35 5.00
C ILE B 153 -7.79 -28.15 5.88
N TYR B 154 -8.79 -27.63 6.60
CA TYR B 154 -8.65 -26.48 7.52
C TYR B 154 -8.74 -26.93 8.97
N GLY B 155 -7.69 -26.71 9.76
CA GLY B 155 -7.73 -26.98 11.22
C GLY B 155 -8.41 -25.80 11.91
N ALA B 156 -9.68 -25.66 11.67
CA ALA B 156 -10.43 -24.49 12.04
C ALA B 156 -11.15 -24.72 13.38
N ASP B 157 -11.44 -23.63 14.07
CA ASP B 157 -12.33 -23.63 15.23
C ASP B 157 -11.82 -24.46 16.38
N VAL B 158 -10.51 -24.43 16.57
CA VAL B 158 -9.84 -25.16 17.65
C VAL B 158 -9.87 -24.29 18.92
N ASN B 159 -10.52 -24.79 19.96
CA ASN B 159 -10.55 -24.12 21.27
C ASN B 159 -9.14 -24.05 21.83
N GLY B 160 -8.63 -22.83 22.01
CA GLY B 160 -7.35 -22.62 22.68
C GLY B 160 -6.71 -21.30 22.34
N THR B 161 -5.60 -21.01 23.00
CA THR B 161 -4.82 -19.80 22.77
C THR B 161 -3.34 -20.20 22.71
N LEU B 162 -2.56 -19.53 21.87
CA LEU B 162 -1.13 -19.75 21.85
C LEU B 162 -0.38 -18.63 22.60
N TYR B 163 -1.12 -17.75 23.26
CA TYR B 163 -0.51 -16.71 24.09
C TYR B 163 0.00 -17.28 25.38
N GLU B 164 1.22 -16.89 25.76
CA GLU B 164 1.73 -17.14 27.09
C GLU B 164 0.91 -16.39 28.15
N LYS B 165 0.77 -17.01 29.32
CA LYS B 165 -0.11 -16.57 30.41
C LYS B 165 0.06 -15.09 30.77
N HIS B 166 1.30 -14.60 30.74
CA HIS B 166 1.61 -13.28 31.30
C HIS B 166 1.53 -12.10 30.34
N VAL B 167 1.18 -12.35 29.07
CA VAL B 167 1.14 -11.30 28.06
C VAL B 167 -0.11 -10.45 28.27
N ASP B 168 0.10 -9.20 28.69
CA ASP B 168 -0.99 -8.33 29.13
C ASP B 168 -1.59 -7.49 27.99
N GLU B 169 -0.85 -7.31 26.90
CA GLU B 169 -1.28 -6.42 25.80
C GLU B 169 -1.88 -7.24 24.70
N TRP B 170 -3.10 -6.89 24.29
CA TRP B 170 -3.76 -7.52 23.16
C TRP B 170 -3.88 -9.06 23.27
N ASN B 171 -4.14 -9.53 24.47
CA ASN B 171 -4.27 -10.95 24.75
C ASN B 171 -5.65 -11.36 24.35
N ILE B 172 -5.74 -12.09 23.23
CA ILE B 172 -7.03 -12.43 22.59
C ILE B 172 -7.94 -13.17 23.56
N GLY B 173 -7.36 -13.87 24.54
CA GLY B 173 -8.14 -14.52 25.60
C GLY B 173 -8.70 -13.61 26.68
N ARG B 174 -8.13 -12.41 26.85
CA ARG B 174 -8.59 -11.48 27.88
C ARG B 174 -8.49 -9.99 27.47
N LEU B 175 -9.31 -9.56 26.51
CA LEU B 175 -9.19 -8.21 25.92
C LEU B 175 -9.83 -7.08 26.76
N ARG B 176 -10.81 -7.44 27.56
CA ARG B 176 -11.43 -6.52 28.53
C ARG B 176 -12.18 -5.46 27.75
N THR B 177 -13.25 -5.92 27.10
CA THR B 177 -14.15 -5.05 26.37
C THR B 177 -15.49 -5.28 27.02
N ILE B 178 -16.47 -4.44 26.68
CA ILE B 178 -17.79 -4.54 27.28
C ILE B 178 -18.50 -5.85 26.93
N LEU B 179 -17.95 -6.62 25.97
CA LEU B 179 -18.49 -7.95 25.63
C LEU B 179 -18.41 -8.94 26.80
N ASP B 180 -17.46 -8.74 27.71
CA ASP B 180 -17.35 -9.59 28.91
C ASP B 180 -18.59 -9.61 29.78
N LEU B 181 -19.43 -8.57 29.70
CA LEU B 181 -20.74 -8.57 30.34
C LEU B 181 -21.57 -9.84 30.10
N VAL B 182 -21.43 -10.46 28.92
CA VAL B 182 -22.14 -11.74 28.67
C VAL B 182 -21.69 -12.85 29.65
N GLU B 183 -20.38 -12.97 29.89
CA GLU B 183 -19.86 -13.95 30.85
C GLU B 183 -19.96 -13.36 32.26
N LYS B 184 -19.41 -12.15 32.46
CA LYS B 184 -19.39 -11.47 33.79
C LYS B 184 -20.77 -11.41 34.49
N GLU B 185 -21.72 -10.70 33.87
CA GLU B 185 -23.07 -10.55 34.44
C GLU B 185 -23.92 -11.83 34.29
N SER B 186 -23.93 -12.42 33.11
CA SER B 186 -24.91 -13.47 32.78
C SER B 186 -24.38 -14.93 32.79
N GLY B 187 -23.08 -15.10 33.06
CA GLY B 187 -22.49 -16.45 33.22
C GLY B 187 -22.22 -17.24 31.94
N ILE B 188 -22.44 -16.63 30.78
CA ILE B 188 -22.51 -17.38 29.51
C ILE B 188 -21.18 -17.36 28.70
N THR B 189 -20.60 -18.56 28.49
CA THR B 189 -19.44 -18.72 27.61
C THR B 189 -19.91 -19.11 26.22
N ILE B 190 -19.33 -18.47 25.21
CA ILE B 190 -19.66 -18.77 23.83
C ILE B 190 -18.35 -18.98 23.11
N GLU B 191 -18.11 -20.25 22.80
CA GLU B 191 -16.82 -20.68 22.27
C GLU B 191 -16.53 -19.96 20.98
N GLY B 192 -15.31 -19.41 20.88
CA GLY B 192 -14.91 -18.60 19.74
C GLY B 192 -15.43 -17.14 19.68
N VAL B 193 -16.45 -16.86 20.50
CA VAL B 193 -17.12 -15.56 20.56
C VAL B 193 -16.53 -14.74 21.72
N ASN B 194 -16.72 -15.18 22.95
CA ASN B 194 -15.91 -14.65 24.05
C ASN B 194 -14.82 -15.64 24.50
N THR B 195 -14.50 -16.64 23.67
CA THR B 195 -13.33 -17.48 23.96
C THR B 195 -12.51 -17.52 22.69
N PRO B 196 -11.18 -17.75 22.81
CA PRO B 196 -10.37 -17.76 21.59
C PRO B 196 -10.44 -19.07 20.80
N TYR B 197 -10.34 -18.96 19.48
CA TYR B 197 -10.24 -20.11 18.55
C TYR B 197 -8.92 -20.10 17.79
N LEU B 198 -8.31 -21.26 17.53
CA LEU B 198 -7.15 -21.33 16.61
C LEU B 198 -7.56 -21.87 15.23
N TYR B 199 -6.82 -21.39 14.22
CA TYR B 199 -7.07 -21.66 12.81
C TYR B 199 -5.73 -22.04 12.19
N PHE B 200 -5.57 -23.34 11.95
CA PHE B 200 -4.41 -23.87 11.25
C PHE B 200 -4.77 -24.00 9.77
N GLY B 201 -4.14 -23.19 8.95
CA GLY B 201 -4.45 -23.13 7.56
C GLY B 201 -3.44 -23.88 6.72
N MET B 202 -3.86 -24.17 5.52
CA MET B 202 -2.95 -24.56 4.43
C MET B 202 -3.45 -23.86 3.17
N TRP B 203 -2.66 -23.97 2.11
CA TRP B 203 -2.98 -23.35 0.84
C TRP B 203 -4.44 -23.62 0.47
N LYS B 204 -5.15 -22.54 0.11
CA LYS B 204 -6.43 -22.58 -0.56
C LYS B 204 -7.55 -22.83 0.43
N THR B 205 -7.23 -22.98 1.71
CA THR B 205 -8.25 -22.96 2.76
C THR B 205 -8.86 -21.53 2.80
N SER B 206 -10.17 -21.50 2.95
CA SER B 206 -11.02 -20.36 2.63
C SER B 206 -11.83 -19.99 3.89
N PHE B 207 -12.16 -18.72 4.03
CA PHE B 207 -13.29 -18.31 4.88
C PHE B 207 -14.31 -17.55 4.02
N ALA B 208 -15.54 -18.05 4.06
CA ALA B 208 -16.60 -17.52 3.25
C ALA B 208 -17.04 -16.10 3.74
N TRP B 209 -17.72 -15.37 2.88
CA TRP B 209 -18.28 -14.05 3.21
C TRP B 209 -19.19 -14.11 4.41
N HIS B 210 -18.88 -13.27 5.39
CA HIS B 210 -19.70 -13.17 6.57
C HIS B 210 -19.44 -11.89 7.33
N THR B 211 -20.37 -11.56 8.20
CA THR B 211 -20.11 -10.63 9.29
C THR B 211 -20.07 -11.54 10.50
N GLU B 212 -19.58 -11.00 11.60
CA GLU B 212 -19.59 -11.73 12.83
C GLU B 212 -20.95 -12.00 13.36
N ASP B 213 -21.03 -13.05 14.18
CA ASP B 213 -22.19 -13.27 15.04
C ASP B 213 -22.54 -11.97 15.81
N MET B 214 -23.82 -11.65 15.75
CA MET B 214 -24.41 -10.43 16.32
C MET B 214 -23.81 -9.15 15.81
N ASP B 215 -23.17 -9.23 14.63
CA ASP B 215 -22.41 -8.15 14.05
C ASP B 215 -21.37 -7.52 14.96
N LEU B 216 -20.70 -8.38 15.71
CA LEU B 216 -19.58 -7.98 16.55
C LEU B 216 -18.33 -7.57 15.77
N TYR B 217 -17.36 -7.04 16.52
CA TYR B 217 -16.00 -6.90 16.03
C TYR B 217 -15.30 -8.25 16.13
N SER B 218 -14.29 -8.46 15.31
CA SER B 218 -13.36 -9.52 15.59
C SER B 218 -11.93 -9.02 15.51
N ILE B 219 -11.07 -9.75 16.23
CA ILE B 219 -9.62 -9.58 16.21
C ILE B 219 -9.04 -10.92 15.71
N ASN B 220 -7.98 -10.87 14.92
CA ASN B 220 -7.38 -12.08 14.31
C ASN B 220 -5.87 -11.81 14.30
N TYR B 221 -5.11 -12.60 15.03
CA TYR B 221 -3.66 -12.47 15.05
C TYR B 221 -3.05 -13.68 14.30
N LEU B 222 -2.20 -13.46 13.29
CA LEU B 222 -1.48 -14.53 12.57
C LEU B 222 -0.19 -14.83 13.33
N HIS B 223 -0.19 -15.89 14.15
CA HIS B 223 0.97 -16.26 14.95
C HIS B 223 2.20 -16.57 14.12
N PHE B 224 2.03 -17.37 13.07
CA PHE B 224 3.17 -17.84 12.27
C PHE B 224 2.69 -18.35 10.93
N GLY B 225 3.62 -18.59 10.03
CA GLY B 225 3.36 -19.22 8.76
C GLY B 225 3.19 -18.28 7.60
N GLU B 226 2.58 -18.84 6.56
CA GLU B 226 2.31 -18.13 5.33
C GLU B 226 1.15 -17.17 5.50
N PRO B 227 1.08 -16.12 4.68
CA PRO B 227 0.03 -15.12 4.83
C PRO B 227 -1.40 -15.59 4.73
N LYS B 228 -2.28 -14.75 5.27
CA LYS B 228 -3.71 -14.84 5.12
C LYS B 228 -4.20 -13.63 4.28
N SER B 229 -4.95 -13.83 3.18
CA SER B 229 -5.52 -12.72 2.41
C SER B 229 -6.99 -12.52 2.72
N TRP B 230 -7.41 -11.26 2.64
CA TRP B 230 -8.72 -10.78 3.07
C TRP B 230 -9.39 -9.89 2.03
N TYR B 231 -10.70 -10.05 1.93
CA TYR B 231 -11.57 -9.16 1.21
C TYR B 231 -12.56 -8.58 2.22
N SER B 232 -12.90 -7.29 2.02
CA SER B 232 -13.76 -6.54 2.93
C SER B 232 -14.66 -5.60 2.16
N VAL B 233 -15.93 -5.53 2.61
CA VAL B 233 -16.89 -4.59 2.08
C VAL B 233 -17.20 -3.55 3.20
N PRO B 234 -17.11 -2.25 2.86
CA PRO B 234 -17.44 -1.21 3.85
C PRO B 234 -18.84 -1.44 4.44
N PRO B 235 -18.95 -1.48 5.76
CA PRO B 235 -20.27 -1.59 6.39
C PRO B 235 -21.43 -0.77 5.81
N GLU B 236 -21.11 0.43 5.34
CA GLU B 236 -22.09 1.31 4.67
C GLU B 236 -22.54 0.84 3.29
N HIS B 237 -21.91 -0.19 2.70
CA HIS B 237 -22.43 -0.86 1.48
C HIS B 237 -22.74 -2.35 1.68
N GLY B 238 -22.73 -2.77 2.93
CA GLY B 238 -23.00 -4.10 3.36
C GLY B 238 -24.25 -4.72 2.77
N LYS B 239 -25.29 -3.90 2.58
CA LYS B 239 -26.64 -4.37 2.21
C LYS B 239 -26.68 -4.75 0.75
N ARG B 240 -25.80 -4.08 0.01
CA ARG B 240 -25.52 -4.32 -1.40
C ARG B 240 -24.94 -5.74 -1.62
N LEU B 241 -23.88 -6.08 -0.92
CA LEU B 241 -23.45 -7.46 -0.89
C LEU B 241 -24.59 -8.44 -0.57
N GLU B 242 -25.39 -8.13 0.44
CA GLU B 242 -26.47 -9.06 0.83
C GLU B 242 -27.52 -9.21 -0.27
N ARG B 243 -27.79 -8.13 -1.00
CA ARG B 243 -28.69 -8.19 -2.15
C ARG B 243 -28.13 -8.98 -3.32
N LEU B 244 -26.86 -8.75 -3.66
CA LEU B 244 -26.16 -9.54 -4.67
C LEU B 244 -26.32 -11.03 -4.31
N ALA B 245 -25.95 -11.38 -3.07
CA ALA B 245 -25.98 -12.76 -2.60
C ALA B 245 -27.36 -13.41 -2.69
N LYS B 246 -28.43 -12.70 -2.32
CA LYS B 246 -29.80 -13.25 -2.36
C LYS B 246 -30.30 -13.41 -3.79
N GLY B 247 -29.87 -12.49 -4.66
CA GLY B 247 -30.12 -12.62 -6.08
C GLY B 247 -29.57 -13.91 -6.65
N PHE B 248 -28.37 -14.29 -6.22
CA PHE B 248 -27.66 -15.46 -6.77
C PHE B 248 -27.92 -16.78 -6.09
N PHE B 249 -28.40 -16.73 -4.87
CA PHE B 249 -28.73 -17.92 -4.14
C PHE B 249 -30.15 -17.76 -3.63
N PRO B 250 -31.13 -17.63 -4.54
CA PRO B 250 -32.50 -17.38 -4.10
C PRO B 250 -33.09 -18.56 -3.30
N GLY B 251 -32.74 -19.78 -3.67
CA GLY B 251 -33.12 -20.94 -2.88
C GLY B 251 -32.68 -20.74 -1.44
N SER B 252 -31.39 -20.47 -1.26
CA SER B 252 -30.83 -20.23 0.08
C SER B 252 -31.54 -19.11 0.85
N ALA B 253 -31.86 -18.01 0.16
CA ALA B 253 -32.51 -16.84 0.78
C ALA B 253 -33.89 -17.20 1.30
N GLN B 254 -34.67 -17.94 0.50
CA GLN B 254 -36.00 -18.39 0.92
C GLN B 254 -36.02 -19.25 2.19
N SER B 255 -34.90 -19.88 2.51
CA SER B 255 -34.82 -20.79 3.65
C SER B 255 -34.35 -20.09 4.91
N CYS B 256 -33.60 -19.01 4.72
CA CYS B 256 -33.01 -18.31 5.82
C CYS B 256 -32.80 -16.82 5.51
N GLU B 257 -33.29 -15.99 6.42
CA GLU B 257 -33.17 -14.53 6.30
C GLU B 257 -31.73 -14.03 6.56
N ALA B 258 -30.83 -14.89 7.03
CA ALA B 258 -29.42 -14.54 7.14
C ALA B 258 -28.51 -15.73 6.70
N PHE B 259 -28.73 -16.28 5.50
CA PHE B 259 -28.00 -17.50 5.07
C PHE B 259 -26.51 -17.30 4.92
N LEU B 260 -26.05 -16.05 4.75
CA LEU B 260 -24.58 -15.80 4.77
C LEU B 260 -23.92 -16.12 6.09
N ARG B 261 -24.70 -16.13 7.17
CA ARG B 261 -24.22 -16.58 8.48
C ARG B 261 -23.80 -18.04 8.52
N HIS B 262 -24.25 -18.84 7.56
CA HIS B 262 -23.82 -20.27 7.51
C HIS B 262 -22.38 -20.38 7.14
N LYS B 263 -21.84 -19.30 6.61
CA LYS B 263 -20.45 -19.23 6.23
C LYS B 263 -20.06 -20.32 5.20
N MET B 264 -20.87 -20.46 4.16
CA MET B 264 -20.61 -21.34 3.05
C MET B 264 -20.54 -20.62 1.72
N THR B 265 -20.70 -19.30 1.71
CA THR B 265 -20.96 -18.59 0.46
C THR B 265 -19.74 -17.86 -0.03
N LEU B 266 -19.21 -18.25 -1.18
CA LEU B 266 -17.98 -17.69 -1.74
C LEU B 266 -18.27 -16.96 -3.02
N ILE B 267 -17.75 -15.74 -3.13
CA ILE B 267 -18.07 -14.81 -4.23
C ILE B 267 -16.77 -14.12 -4.62
N SER B 268 -16.39 -14.22 -5.89
CA SER B 268 -15.09 -13.69 -6.30
C SER B 268 -15.11 -12.15 -6.42
N PRO B 269 -13.95 -11.52 -6.32
CA PRO B 269 -13.81 -10.09 -6.56
C PRO B 269 -14.23 -9.68 -7.94
N LEU B 270 -14.10 -10.55 -8.93
CA LEU B 270 -14.62 -10.24 -10.23
C LEU B 270 -16.16 -10.07 -10.24
N MET B 271 -16.84 -10.83 -9.43
CA MET B 271 -18.29 -10.67 -9.37
C MET B 271 -18.67 -9.41 -8.63
N LEU B 272 -18.05 -9.18 -7.46
CA LEU B 272 -18.26 -7.91 -6.72
C LEU B 272 -18.05 -6.72 -7.61
N LYS B 273 -16.95 -6.72 -8.35
CA LYS B 273 -16.64 -5.64 -9.24
C LYS B 273 -17.68 -5.51 -10.38
N LYS B 274 -18.11 -6.63 -10.96
CA LYS B 274 -19.10 -6.58 -12.04
C LYS B 274 -20.45 -5.98 -11.57
N TYR B 275 -20.81 -6.22 -10.31
CA TYR B 275 -22.13 -5.79 -9.80
C TYR B 275 -22.05 -4.51 -8.95
N GLY B 276 -20.88 -3.87 -8.95
CA GLY B 276 -20.73 -2.59 -8.31
C GLY B 276 -20.66 -2.62 -6.80
N ILE B 277 -20.29 -3.76 -6.19
CA ILE B 277 -20.07 -3.82 -4.76
C ILE B 277 -18.65 -3.33 -4.45
N PRO B 278 -18.51 -2.20 -3.69
CA PRO B 278 -17.15 -1.77 -3.35
C PRO B 278 -16.45 -2.71 -2.36
N PHE B 279 -15.16 -2.89 -2.53
CA PHE B 279 -14.46 -3.76 -1.60
C PHE B 279 -13.00 -3.41 -1.68
N ASP B 280 -12.23 -3.84 -0.68
CA ASP B 280 -10.79 -3.67 -0.66
C ASP B 280 -10.19 -5.05 -0.32
N LYS B 281 -8.88 -5.20 -0.60
CA LYS B 281 -8.10 -6.39 -0.27
C LYS B 281 -6.90 -5.96 0.59
N VAL B 282 -6.43 -6.86 1.45
CA VAL B 282 -5.18 -6.73 2.20
C VAL B 282 -4.65 -8.15 2.52
N THR B 283 -3.33 -8.28 2.56
CA THR B 283 -2.74 -9.53 2.97
C THR B 283 -2.15 -9.28 4.33
N GLN B 284 -2.50 -10.15 5.27
CA GLN B 284 -1.99 -10.14 6.62
C GLN B 284 -0.80 -11.10 6.66
N GLU B 285 0.34 -10.65 7.18
CA GLU B 285 1.51 -11.49 7.37
C GLU B 285 1.69 -11.88 8.84
N ALA B 286 2.59 -12.84 9.06
CA ALA B 286 2.82 -13.39 10.40
C ALA B 286 3.21 -12.26 11.31
N GLY B 287 2.65 -12.23 12.53
CA GLY B 287 2.99 -11.17 13.46
C GLY B 287 2.08 -9.96 13.38
N GLU B 288 0.99 -10.05 12.59
CA GLU B 288 0.08 -8.91 12.35
C GLU B 288 -1.35 -9.21 12.77
N PHE B 289 -2.04 -8.19 13.31
CA PHE B 289 -3.45 -8.26 13.69
C PHE B 289 -4.29 -7.68 12.57
N MET B 290 -5.45 -8.28 12.38
CA MET B 290 -6.56 -7.70 11.64
C MET B 290 -7.71 -7.51 12.63
N ILE B 291 -8.46 -6.42 12.43
CA ILE B 291 -9.64 -6.09 13.21
C ILE B 291 -10.73 -5.95 12.16
N THR B 292 -11.84 -6.64 12.39
CA THR B 292 -13.02 -6.43 11.62
C THR B 292 -14.04 -5.69 12.51
N PHE B 293 -14.86 -4.91 11.84
CA PHE B 293 -15.75 -3.95 12.47
C PHE B 293 -17.19 -4.41 12.31
N PRO B 294 -18.10 -3.97 13.21
CA PRO B 294 -19.49 -4.33 13.05
C PRO B 294 -20.06 -4.12 11.67
N TYR B 295 -20.74 -5.16 11.20
CA TYR B 295 -21.34 -5.23 9.87
C TYR B 295 -20.35 -5.13 8.71
N GLY B 296 -19.08 -5.40 9.00
CA GLY B 296 -18.06 -5.52 7.98
C GLY B 296 -18.03 -6.96 7.42
N TYR B 297 -18.48 -7.15 6.19
CA TYR B 297 -18.39 -8.44 5.48
C TYR B 297 -17.00 -8.69 5.02
N HIS B 298 -16.50 -9.88 5.31
CA HIS B 298 -15.13 -10.24 4.97
C HIS B 298 -15.10 -11.73 4.55
N ALA B 299 -14.08 -12.04 3.75
CA ALA B 299 -13.80 -13.36 3.13
C ALA B 299 -12.28 -13.39 2.81
N GLY B 300 -11.75 -14.58 2.62
CA GLY B 300 -10.41 -14.72 2.17
C GLY B 300 -9.88 -16.12 2.16
N PHE B 301 -8.55 -16.23 2.12
CA PHE B 301 -7.90 -17.52 2.01
C PHE B 301 -6.50 -17.50 2.60
N ASN B 302 -6.01 -18.71 2.93
CA ASN B 302 -4.63 -18.91 3.36
C ASN B 302 -3.71 -19.28 2.21
N HIS B 303 -2.50 -18.74 2.28
CA HIS B 303 -1.50 -18.86 1.24
C HIS B 303 -0.81 -20.22 1.40
N GLY B 304 -0.72 -20.66 2.64
CA GLY B 304 0.02 -21.85 2.99
C GLY B 304 -0.16 -22.12 4.46
N PHE B 305 0.75 -22.94 4.99
CA PHE B 305 0.70 -23.37 6.37
C PHE B 305 0.86 -22.20 7.32
N ASN B 306 -0.08 -22.08 8.26
CA ASN B 306 -0.10 -20.97 9.20
C ASN B 306 -0.99 -21.25 10.36
N CYS B 307 -0.87 -20.38 11.36
CA CYS B 307 -1.75 -20.39 12.49
C CYS B 307 -2.21 -18.98 12.90
N ALA B 308 -3.51 -18.83 13.06
CA ALA B 308 -4.19 -17.59 13.41
C ALA B 308 -5.06 -17.83 14.63
N GLU B 309 -5.26 -16.78 15.41
CA GLU B 309 -6.04 -16.87 16.63
C GLU B 309 -7.04 -15.75 16.57
N SER B 310 -8.26 -16.04 17.00
CA SER B 310 -9.36 -15.16 16.70
C SER B 310 -10.31 -15.15 17.87
N THR B 311 -11.02 -14.04 18.06
CA THR B 311 -12.19 -13.96 18.94
C THR B 311 -13.01 -12.71 18.55
N ASN B 312 -14.12 -12.53 19.23
CA ASN B 312 -14.94 -11.35 19.04
C ASN B 312 -14.74 -10.40 20.21
N PHE B 313 -15.02 -9.13 19.96
CA PHE B 313 -15.05 -8.14 21.03
C PHE B 313 -16.08 -7.08 20.68
N ALA B 314 -16.41 -6.24 21.67
CA ALA B 314 -17.40 -5.17 21.51
C ALA B 314 -16.79 -3.81 21.90
N THR B 315 -17.34 -2.74 21.34
CA THR B 315 -17.23 -1.39 21.92
C THR B 315 -18.65 -0.89 22.19
N ARG B 316 -18.82 0.33 22.70
CA ARG B 316 -20.18 0.87 22.94
C ARG B 316 -20.99 1.07 21.64
N ARG B 317 -20.32 1.42 20.55
CA ARG B 317 -20.97 1.52 19.26
C ARG B 317 -21.66 0.22 18.77
N TRP B 318 -21.12 -0.94 19.16
CA TRP B 318 -21.68 -2.24 18.78
C TRP B 318 -23.09 -2.52 19.34
N ILE B 319 -23.42 -2.00 20.52
CA ILE B 319 -24.72 -2.28 21.14
C ILE B 319 -25.90 -2.10 20.14
N GLU B 320 -25.89 -1.04 19.35
CA GLU B 320 -26.96 -0.84 18.36
C GLU B 320 -26.92 -1.85 17.20
N TYR B 321 -25.70 -2.23 16.77
CA TYR B 321 -25.49 -3.35 15.81
C TYR B 321 -26.09 -4.67 16.32
N GLY B 322 -25.76 -4.99 17.57
CA GLY B 322 -26.37 -6.06 18.31
C GLY B 322 -27.86 -6.10 18.29
N LYS B 323 -28.51 -4.97 18.63
CA LYS B 323 -29.96 -4.89 18.69
C LYS B 323 -30.62 -5.07 17.32
N GLN B 324 -29.91 -4.65 16.28
CA GLN B 324 -30.46 -4.69 14.93
C GLN B 324 -29.94 -5.87 14.04
N ALA B 325 -29.04 -6.71 14.58
CA ALA B 325 -28.45 -7.82 13.82
C ALA B 325 -29.49 -8.78 13.29
N VAL B 326 -29.43 -9.07 11.99
CA VAL B 326 -30.41 -10.01 11.39
C VAL B 326 -29.80 -11.39 11.54
N LEU B 327 -30.51 -12.26 12.25
CA LEU B 327 -29.95 -13.50 12.69
C LEU B 327 -30.43 -14.71 11.85
N CYS B 328 -29.62 -15.77 11.86
CA CYS B 328 -30.01 -17.04 11.23
C CYS B 328 -31.33 -17.62 11.84
N SER B 329 -32.30 -17.86 10.97
CA SER B 329 -33.63 -18.36 11.32
C SER B 329 -33.93 -19.87 11.05
N CYS B 330 -32.91 -20.70 10.82
CA CYS B 330 -33.11 -22.09 10.31
C CYS B 330 -32.36 -23.22 11.05
N ARG B 331 -31.30 -22.86 11.78
CA ARG B 331 -30.56 -23.79 12.62
C ARG B 331 -30.88 -23.28 14.01
N LYS B 332 -31.48 -24.11 14.86
CA LYS B 332 -31.83 -23.67 16.22
C LYS B 332 -30.56 -23.26 17.05
N ASP B 333 -29.43 -23.93 16.78
CA ASP B 333 -28.23 -23.85 17.64
C ASP B 333 -27.26 -22.68 17.39
N MET B 334 -27.76 -21.60 16.78
CA MET B 334 -26.89 -20.49 16.38
C MET B 334 -26.59 -19.59 17.57
N VAL B 335 -25.52 -18.81 17.44
CA VAL B 335 -25.14 -17.81 18.44
C VAL B 335 -26.12 -16.64 18.41
N LYS B 336 -26.74 -16.40 19.57
CA LYS B 336 -27.68 -15.30 19.77
C LYS B 336 -27.34 -14.82 21.17
N ILE B 337 -27.07 -13.52 21.29
CA ILE B 337 -26.74 -12.91 22.54
C ILE B 337 -27.95 -12.06 22.87
N SER B 338 -28.44 -12.22 24.10
CA SER B 338 -29.44 -11.31 24.68
C SER B 338 -28.84 -9.90 24.86
N MET B 339 -29.45 -8.93 24.19
CA MET B 339 -28.98 -7.54 24.22
C MET B 339 -29.44 -6.76 25.45
N ASP B 340 -30.33 -7.36 26.21
CA ASP B 340 -31.02 -6.76 27.34
C ASP B 340 -30.05 -6.16 28.37
N VAL B 341 -29.04 -6.91 28.77
CA VAL B 341 -28.04 -6.42 29.73
C VAL B 341 -27.28 -5.18 29.20
N PHE B 342 -27.04 -5.15 27.89
CA PHE B 342 -26.38 -4.00 27.23
C PHE B 342 -27.25 -2.74 27.15
N VAL B 343 -28.53 -2.91 26.84
CA VAL B 343 -29.45 -1.78 26.78
C VAL B 343 -29.71 -1.24 28.19
N ARG B 344 -29.85 -2.13 29.16
CA ARG B 344 -30.05 -1.71 30.55
C ARG B 344 -28.88 -0.86 31.08
N LYS B 345 -27.66 -1.27 30.80
CA LYS B 345 -26.45 -0.60 31.33
C LYS B 345 -26.04 0.67 30.56
N PHE B 346 -26.05 0.64 29.23
CA PHE B 346 -25.52 1.74 28.39
C PHE B 346 -26.57 2.58 27.72
N GLN B 347 -27.83 2.14 27.76
CA GLN B 347 -28.92 2.91 27.18
C GLN B 347 -30.17 2.86 28.04
N PRO B 348 -30.05 3.19 29.36
CA PRO B 348 -31.19 3.08 30.25
C PRO B 348 -32.39 3.92 29.83
N GLU B 349 -32.10 4.99 29.08
CA GLU B 349 -33.11 5.96 28.69
C GLU B 349 -33.91 5.42 27.52
N ARG B 350 -33.31 4.48 26.78
CA ARG B 350 -33.97 3.79 25.65
C ARG B 350 -34.53 2.38 25.99
N TYR B 351 -34.41 1.93 27.24
CA TYR B 351 -34.69 0.53 27.56
C TYR B 351 -36.19 0.20 27.57
N LYS B 352 -37.00 1.08 28.14
CA LYS B 352 -38.44 0.89 28.13
C LYS B 352 -39.01 0.85 26.70
N LEU B 353 -38.60 1.82 25.89
CA LEU B 353 -38.87 1.86 24.44
C LEU B 353 -38.40 0.60 23.66
N TRP B 354 -37.17 0.20 23.87
CA TRP B 354 -36.62 -0.96 23.21
C TRP B 354 -37.38 -2.24 23.57
N LYS B 355 -37.66 -2.44 24.87
CA LYS B 355 -38.42 -3.60 25.37
C LYS B 355 -39.78 -3.67 24.70
N ALA B 356 -40.42 -2.52 24.55
CA ALA B 356 -41.71 -2.39 23.92
C ALA B 356 -41.67 -2.56 22.38
N GLY B 357 -40.48 -2.74 21.80
CA GLY B 357 -40.30 -2.77 20.35
C GLY B 357 -40.37 -1.42 19.61
N LYS B 358 -40.26 -0.32 20.34
CA LYS B 358 -40.45 1.01 19.72
C LYS B 358 -39.14 1.80 19.46
N ASP B 359 -37.98 1.13 19.53
CA ASP B 359 -36.68 1.79 19.33
C ASP B 359 -36.24 1.79 17.87
N ASN B 360 -36.47 2.94 17.22
CA ASN B 360 -36.33 3.13 15.78
C ASN B 360 -34.99 3.72 15.35
N THR B 361 -33.94 3.57 16.15
CA THR B 361 -32.62 4.11 15.82
C THR B 361 -32.17 3.58 14.47
N VAL B 362 -31.74 4.50 13.60
CA VAL B 362 -31.02 4.18 12.38
C VAL B 362 -29.51 4.28 12.64
N ILE B 363 -28.76 3.23 12.30
CA ILE B 363 -27.32 3.23 12.45
C ILE B 363 -26.66 4.05 11.32
N ASP B 364 -25.77 4.96 11.70
CA ASP B 364 -24.84 5.64 10.79
C ASP B 364 -23.45 4.95 10.89
N HIS B 365 -23.07 4.28 9.80
CA HIS B 365 -21.86 3.43 9.74
C HIS B 365 -20.54 4.18 9.69
N THR B 366 -20.62 5.47 9.37
CA THR B 366 -19.45 6.35 9.29
C THR B 366 -19.06 6.90 10.66
N LEU B 367 -19.98 6.89 11.61
CA LEU B 367 -19.70 7.39 12.93
C LEU B 367 -18.79 6.44 13.76
N PRO B 368 -17.67 6.99 14.31
CA PRO B 368 -16.84 6.28 15.29
C PRO B 368 -17.51 6.04 16.62
N THR B 369 -16.87 5.18 17.39
CA THR B 369 -17.35 4.82 18.69
C THR B 369 -17.22 6.06 19.60
N PRO B 370 -18.13 6.24 20.57
CA PRO B 370 -18.03 7.44 21.42
C PRO B 370 -16.73 7.57 22.24
N GLU B 371 -16.11 6.45 22.60
CA GLU B 371 -14.83 6.44 23.33
C GLU B 371 -13.70 7.14 22.54
N ALA B 372 -13.92 7.34 21.24
CA ALA B 372 -13.04 8.10 20.34
C ALA B 372 -13.11 9.62 20.55
N ALA B 373 -14.08 10.11 21.32
CA ALA B 373 -14.24 11.55 21.63
C ALA B 373 -12.89 12.16 22.07
N GLU B 374 -12.23 11.49 23.02
CA GLU B 374 -10.84 11.75 23.47
C GLU B 374 -9.89 12.32 22.41
N PHE B 375 -9.98 11.72 21.23
CA PHE B 375 -9.13 12.07 20.12
C PHE B 375 -9.91 13.03 19.24
NI NI C . 11.61 12.63 -11.50
ZN ZN D . -3.58 15.25 -17.61
C1 OGA E . 14.28 13.51 -10.98
C2 OGA E . 13.39 14.54 -10.23
C4 OGA E . 13.05 16.55 -9.04
C5 OGA E . 13.67 17.87 -8.63
O1 OGA E . 15.51 13.67 -11.08
O2 OGA E . 13.67 12.54 -11.49
O2' OGA E . 12.18 14.32 -10.16
O3 OGA E . 12.85 18.84 -8.56
N1 OGA E . 13.92 15.61 -9.71
O4 OGA E . 14.90 17.85 -8.34
NI NI F . -14.88 -13.22 10.64
ZN ZN G . -29.91 -20.00 8.65
C1 OGA H . -12.03 -13.33 11.48
C2 OGA H . -12.18 -14.42 10.39
C4 OGA H . -11.32 -16.34 9.24
C5 OGA H . -10.17 -17.34 9.25
O1 OGA H . -10.96 -13.31 12.16
O2 OGA H . -13.04 -12.55 11.62
O2' OGA H . -13.23 -14.50 9.76
O3 OGA H . -10.47 -18.53 9.00
N1 OGA H . -11.18 -15.28 10.23
O4 OGA H . -9.04 -16.89 9.43
#